data_2J2J
#
_entry.id   2J2J
#
_cell.length_a   55.834
_cell.length_b   88.547
_cell.length_c   106.913
_cell.angle_alpha   90.00
_cell.angle_beta   96.40
_cell.angle_gamma   90.00
#
_symmetry.space_group_name_H-M   'P 1 21 1'
#
loop_
_entity.id
_entity.type
_entity.pdbx_description
1 polymer 'FIBER PROTEIN'
2 water water
#
_entity_poly.entity_id   1
_entity_poly.type   'polypeptide(L)'
_entity_poly.pdbx_seq_one_letter_code
;MRGSHHHHHHGSPPAAPITLWTGPGPSINGFINDTPVIRCFICLTRDSNLVTVNASFVGEGGYRIVSPTQSQFSLIMEFD
QFGQLMSTGNINSTTTWGEKPWGNNTVQPRPSHTWKLCMPNREVYSTPAATISRCGLDSIAVDGAPSRSIDCMLIINKPK
GVATYTLTFRFLNFNRLSGGTLFKTDVLTFTYVGENQ
;
_entity_poly.pdbx_strand_id   A,B,C,D,E,F
#
# COMPACT_ATOMS: atom_id res chain seq x y z
N ALA A 16 -0.22 -37.12 -3.11
CA ALA A 16 -0.64 -36.61 -4.44
C ALA A 16 -0.25 -35.15 -4.64
N PRO A 17 -0.28 -34.71 -5.90
CA PRO A 17 -0.11 -33.31 -6.18
C PRO A 17 -1.40 -32.53 -5.81
N ILE A 18 -1.25 -31.22 -5.65
CA ILE A 18 -2.34 -30.32 -5.40
C ILE A 18 -1.93 -28.94 -5.92
N THR A 19 -2.89 -28.27 -6.55
CA THR A 19 -2.73 -26.92 -7.01
C THR A 19 -3.78 -26.03 -6.36
N LEU A 20 -3.31 -24.91 -5.83
CA LEU A 20 -4.12 -23.79 -5.36
C LEU A 20 -3.92 -22.62 -6.29
N TRP A 21 -5.00 -21.91 -6.61
CA TRP A 21 -4.86 -20.77 -7.54
C TRP A 21 -6.02 -19.80 -7.45
N THR A 22 -5.85 -18.67 -8.13
CA THR A 22 -6.89 -17.64 -8.21
C THR A 22 -7.97 -18.01 -9.24
N GLY A 23 -7.65 -18.98 -10.09
CA GLY A 23 -8.38 -19.18 -11.34
C GLY A 23 -7.94 -18.21 -12.42
N PRO A 24 -8.34 -18.49 -13.65
CA PRO A 24 -7.96 -17.61 -14.75
C PRO A 24 -8.77 -16.31 -14.69
N GLY A 25 -8.34 -15.30 -15.44
CA GLY A 25 -9.08 -14.04 -15.52
C GLY A 25 -9.42 -13.39 -14.19
N PRO A 26 -8.40 -13.19 -13.34
CA PRO A 26 -8.67 -12.63 -12.02
C PRO A 26 -9.36 -11.26 -12.02
N SER A 27 -10.17 -11.01 -11.00
CA SER A 27 -10.69 -9.67 -10.73
C SER A 27 -9.53 -8.80 -10.26
N ILE A 28 -9.81 -7.52 -9.98
CA ILE A 28 -8.79 -6.66 -9.41
C ILE A 28 -8.66 -7.02 -7.91
N ASN A 29 -7.72 -7.91 -7.62
CA ASN A 29 -7.63 -8.67 -6.37
C ASN A 29 -6.34 -8.43 -5.56
N GLY A 30 -5.49 -7.55 -6.08
CA GLY A 30 -4.31 -7.07 -5.37
C GLY A 30 -4.53 -5.64 -4.88
N PHE A 31 -4.49 -5.49 -3.55
CA PHE A 31 -4.78 -4.24 -2.88
C PHE A 31 -3.48 -3.56 -2.44
N ILE A 32 -3.37 -2.28 -2.73
CA ILE A 32 -2.32 -1.45 -2.17
C ILE A 32 -2.99 -0.47 -1.20
N ASN A 33 -2.69 -0.63 0.09
CA ASN A 33 -3.31 0.17 1.14
C ASN A 33 -4.81 0.39 0.95
N ASP A 34 -5.48 -0.74 0.83
CA ASP A 34 -6.92 -0.85 0.79
C ASP A 34 -7.61 -0.32 -0.48
N THR A 35 -6.85 -0.21 -1.57
CA THR A 35 -7.40 0.09 -2.88
C THR A 35 -7.06 -1.03 -3.88
N PRO A 36 -8.10 -1.60 -4.55
CA PRO A 36 -7.80 -2.66 -5.51
C PRO A 36 -7.20 -2.05 -6.76
N VAL A 37 -5.93 -2.40 -7.05
CA VAL A 37 -5.18 -1.78 -8.15
C VAL A 37 -4.47 -2.77 -9.07
N ILE A 38 -4.33 -4.03 -8.70
CA ILE A 38 -3.58 -5.00 -9.53
C ILE A 38 -4.43 -6.26 -9.70
N ARG A 39 -4.53 -6.76 -10.93
CA ARG A 39 -5.08 -8.10 -11.19
C ARG A 39 -3.97 -9.15 -11.08
N CYS A 40 -4.11 -10.08 -10.15
CA CYS A 40 -3.07 -11.06 -9.85
C CYS A 40 -3.56 -12.46 -10.23
N PHE A 41 -2.86 -13.07 -11.17
CA PHE A 41 -3.00 -14.49 -11.44
C PHE A 41 -1.91 -15.21 -10.66
N ILE A 42 -2.31 -16.05 -9.73
CA ILE A 42 -1.37 -16.74 -8.85
C ILE A 42 -1.74 -18.22 -8.81
N CYS A 43 -0.73 -19.06 -9.07
CA CYS A 43 -0.88 -20.52 -9.09
C CYS A 43 0.23 -21.12 -8.24
N LEU A 44 -0.12 -21.94 -7.25
CA LEU A 44 0.83 -22.71 -6.43
C LEU A 44 0.61 -24.19 -6.72
N THR A 45 1.56 -24.82 -7.40
CA THR A 45 1.43 -26.21 -7.77
C THR A 45 2.45 -27.03 -7.00
N ARG A 46 1.95 -27.92 -6.15
CA ARG A 46 2.77 -28.84 -5.41
C ARG A 46 2.84 -30.15 -6.15
N ASP A 47 4.03 -30.59 -6.52
CA ASP A 47 4.18 -31.91 -7.11
C ASP A 47 4.73 -32.79 -6.00
N SER A 48 5.72 -33.64 -6.23
CA SER A 48 6.05 -34.58 -5.16
C SER A 48 6.60 -33.90 -3.90
N ASN A 49 7.45 -32.90 -4.09
CA ASN A 49 8.20 -32.28 -2.96
C ASN A 49 8.18 -30.75 -3.01
N LEU A 50 8.42 -30.21 -4.20
CA LEU A 50 8.52 -28.79 -4.36
C LEU A 50 7.21 -28.18 -4.81
N VAL A 51 7.06 -26.91 -4.44
CA VAL A 51 5.98 -26.07 -4.90
C VAL A 51 6.55 -25.12 -5.94
N THR A 52 5.87 -25.04 -7.08
CA THR A 52 6.15 -24.04 -8.10
C THR A 52 5.12 -22.95 -8.00
N VAL A 53 5.60 -21.72 -7.90
CA VAL A 53 4.77 -20.51 -7.95
C VAL A 53 4.81 -20.03 -9.39
N ASN A 54 3.64 -19.90 -9.99
CA ASN A 54 3.52 -19.34 -11.32
C ASN A 54 2.57 -18.16 -11.22
N ALA A 55 2.98 -16.97 -11.65
CA ALA A 55 2.21 -15.75 -11.38
C ALA A 55 2.38 -14.70 -12.45
N SER A 56 1.37 -13.86 -12.61
CA SER A 56 1.46 -12.69 -13.46
C SER A 56 0.54 -11.61 -12.94
N PHE A 57 0.84 -10.37 -13.30
CA PHE A 57 0.17 -9.20 -12.68
C PHE A 57 -0.11 -8.16 -13.75
N VAL A 58 -1.25 -7.52 -13.65
CA VAL A 58 -1.65 -6.45 -14.53
C VAL A 58 -2.17 -5.28 -13.68
N GLY A 59 -1.51 -4.15 -13.76
CA GLY A 59 -1.97 -2.97 -13.05
C GLY A 59 -3.16 -2.33 -13.69
N GLU A 60 -4.02 -1.74 -12.85
CA GLU A 60 -5.16 -0.98 -13.30
C GLU A 60 -5.18 0.38 -12.61
N GLY A 61 -5.96 1.30 -13.18
CA GLY A 61 -6.14 2.62 -12.61
C GLY A 61 -4.81 3.31 -12.49
N GLY A 62 -4.44 3.73 -11.28
CA GLY A 62 -3.21 4.49 -11.09
C GLY A 62 -1.96 3.63 -11.19
N TYR A 63 -2.14 2.32 -11.25
CA TYR A 63 -1.05 1.39 -11.49
C TYR A 63 -1.07 0.80 -12.92
N ARG A 64 -1.93 1.32 -13.79
CA ARG A 64 -1.94 0.86 -15.18
C ARG A 64 -0.56 1.06 -15.84
N ILE A 65 0.00 2.25 -15.63
CA ILE A 65 1.35 2.63 -16.02
C ILE A 65 2.14 2.94 -14.77
N VAL A 66 3.34 2.41 -14.68
CA VAL A 66 4.25 2.71 -13.59
C VAL A 66 5.42 3.56 -14.08
N SER A 67 5.75 4.56 -13.26
CA SER A 67 6.85 5.49 -13.52
C SER A 67 8.14 4.97 -12.89
N PRO A 68 9.30 5.44 -13.41
CA PRO A 68 10.58 5.08 -12.78
C PRO A 68 10.74 5.50 -11.32
N THR A 69 9.93 6.45 -10.85
CA THR A 69 10.00 6.92 -9.45
C THR A 69 9.09 6.14 -8.53
N GLN A 70 8.33 5.19 -9.10
CA GLN A 70 7.41 4.36 -8.30
C GLN A 70 8.08 3.73 -7.07
N SER A 71 7.42 3.86 -5.90
CA SER A 71 7.88 3.20 -4.71
C SER A 71 7.70 1.69 -4.84
N GLN A 72 8.70 0.94 -4.41
CA GLN A 72 8.55 -0.50 -4.29
C GLN A 72 7.42 -0.86 -3.35
N PHE A 73 6.81 -2.02 -3.58
CA PHE A 73 5.66 -2.44 -2.77
C PHE A 73 5.56 -3.93 -2.76
N SER A 74 5.02 -4.46 -1.66
CA SER A 74 4.77 -5.86 -1.52
C SER A 74 3.29 -6.20 -1.72
N LEU A 75 3.04 -7.37 -2.26
CA LEU A 75 1.69 -7.99 -2.21
C LEU A 75 1.84 -9.27 -1.40
N ILE A 76 1.28 -9.27 -0.20
CA ILE A 76 1.46 -10.35 0.77
C ILE A 76 0.21 -11.21 0.84
N MET A 77 0.45 -12.52 0.74
CA MET A 77 -0.58 -13.54 0.97
C MET A 77 -0.30 -14.14 2.33
N GLU A 78 -1.33 -14.16 3.18
CA GLU A 78 -1.22 -14.69 4.52
C GLU A 78 -2.01 -15.98 4.61
N PHE A 79 -1.40 -17.04 5.12
CA PHE A 79 -2.09 -18.32 5.24
C PHE A 79 -2.05 -18.81 6.69
N ASP A 80 -3.12 -19.45 7.13
CA ASP A 80 -3.15 -20.04 8.46
C ASP A 80 -2.40 -21.38 8.47
N GLN A 81 -2.40 -22.07 9.64
CA GLN A 81 -1.62 -23.31 9.83
C GLN A 81 -2.11 -24.48 8.97
N PHE A 82 -3.29 -24.35 8.39
CA PHE A 82 -3.86 -25.38 7.54
C PHE A 82 -3.68 -25.07 6.05
N GLY A 83 -2.98 -23.97 5.74
CA GLY A 83 -2.79 -23.56 4.37
C GLY A 83 -4.00 -22.86 3.77
N GLN A 84 -4.88 -22.33 4.62
CA GLN A 84 -5.99 -21.51 4.14
C GLN A 84 -5.63 -20.04 4.02
N LEU A 85 -5.91 -19.44 2.87
CA LEU A 85 -5.71 -18.02 2.68
C LEU A 85 -6.56 -17.19 3.63
N MET A 86 -5.92 -16.26 4.31
CA MET A 86 -6.56 -15.37 5.27
C MET A 86 -7.11 -14.09 4.63
N SER A 87 -8.00 -13.41 5.34
CA SER A 87 -8.62 -12.19 4.81
C SER A 87 -7.74 -10.94 4.90
N THR A 88 -6.60 -11.03 5.57
CA THR A 88 -5.82 -9.88 6.02
C THR A 88 -4.66 -9.40 5.12
N GLY A 89 -4.26 -10.23 4.15
CA GLY A 89 -3.19 -9.85 3.23
C GLY A 89 -3.62 -8.89 2.14
N ASN A 90 -2.68 -8.55 1.26
CA ASN A 90 -2.95 -7.70 0.10
C ASN A 90 -3.63 -8.49 -1.01
N ILE A 91 -3.41 -9.80 -1.02
CA ILE A 91 -4.17 -10.73 -1.86
C ILE A 91 -4.78 -11.66 -0.83
N ASN A 92 -6.11 -11.74 -0.80
CA ASN A 92 -6.77 -12.33 0.35
C ASN A 92 -8.06 -13.07 -0.01
N SER A 93 -8.68 -13.64 1.02
CA SER A 93 -9.82 -14.53 0.83
C SER A 93 -11.09 -13.81 0.43
N THR A 94 -11.08 -12.47 0.32
CA THR A 94 -12.25 -11.78 -0.22
C THR A 94 -12.44 -11.95 -1.74
N THR A 95 -11.40 -12.41 -2.43
CA THR A 95 -11.47 -12.70 -3.87
C THR A 95 -11.22 -14.20 -4.08
N THR A 96 -11.42 -14.68 -5.31
CA THR A 96 -11.45 -16.11 -5.52
C THR A 96 -10.09 -16.79 -5.30
N TRP A 97 -10.13 -17.90 -4.59
CA TRP A 97 -8.93 -18.67 -4.30
C TRP A 97 -9.32 -20.05 -3.87
N GLY A 98 -8.65 -21.06 -4.38
CA GLY A 98 -8.98 -22.42 -4.05
C GLY A 98 -8.28 -23.41 -4.93
N GLU A 99 -8.69 -24.66 -4.81
CA GLU A 99 -8.04 -25.75 -5.49
C GLU A 99 -8.41 -25.79 -6.99
N LYS A 100 -7.43 -26.11 -7.82
CA LYS A 100 -7.70 -26.40 -9.24
C LYS A 100 -7.85 -27.90 -9.41
N PRO A 101 -9.06 -28.37 -9.78
CA PRO A 101 -9.18 -29.80 -10.07
C PRO A 101 -8.41 -30.15 -11.34
N TRP A 102 -7.78 -31.32 -11.34
CA TRP A 102 -7.18 -31.82 -12.57
C TRP A 102 -8.29 -31.93 -13.63
N GLY A 103 -8.07 -31.37 -14.80
CA GLY A 103 -9.04 -31.54 -15.88
C GLY A 103 -10.00 -30.40 -16.13
N ASN A 104 -9.98 -29.39 -15.28
CA ASN A 104 -10.80 -28.21 -15.57
C ASN A 104 -10.21 -26.95 -14.98
N ASN A 105 -10.79 -25.81 -15.32
CA ASN A 105 -10.28 -24.50 -14.91
C ASN A 105 -11.08 -23.84 -13.78
N THR A 106 -11.76 -24.64 -12.97
CA THR A 106 -12.51 -24.10 -11.85
C THR A 106 -11.63 -23.83 -10.62
N VAL A 107 -12.22 -23.12 -9.66
CA VAL A 107 -11.63 -22.83 -8.36
C VAL A 107 -12.57 -23.44 -7.36
N GLN A 108 -12.05 -24.39 -6.60
CA GLN A 108 -12.82 -25.14 -5.62
C GLN A 108 -12.44 -24.53 -4.25
N PRO A 109 -13.32 -23.69 -3.68
CA PRO A 109 -12.94 -22.91 -2.49
C PRO A 109 -13.01 -23.62 -1.14
N ARG A 110 -13.51 -24.85 -1.10
CA ARG A 110 -13.68 -25.56 0.17
C ARG A 110 -12.40 -26.29 0.55
N PRO A 111 -11.75 -25.88 1.67
CA PRO A 111 -10.41 -26.37 2.02
C PRO A 111 -10.31 -27.85 2.35
N SER A 112 -9.21 -28.44 1.94
CA SER A 112 -8.84 -29.79 2.27
C SER A 112 -7.58 -29.78 3.11
N HIS A 113 -7.37 -30.83 3.88
CA HIS A 113 -6.12 -31.01 4.61
C HIS A 113 -4.91 -30.98 3.68
N THR A 114 -5.11 -31.37 2.42
CA THR A 114 -4.07 -31.38 1.41
C THR A 114 -3.52 -29.99 1.08
N TRP A 115 -4.28 -28.93 1.36
CA TRP A 115 -3.85 -27.57 1.02
C TRP A 115 -2.56 -27.18 1.74
N LYS A 116 -2.30 -27.78 2.89
CA LYS A 116 -1.06 -27.52 3.60
C LYS A 116 0.15 -27.86 2.75
N LEU A 117 -0.01 -28.77 1.80
CA LEU A 117 1.13 -29.24 1.00
C LEU A 117 1.67 -28.17 0.07
N CYS A 118 0.87 -27.14 -0.19
CA CYS A 118 1.30 -26.02 -1.01
C CYS A 118 2.05 -24.92 -0.23
N MET A 119 2.10 -25.07 1.09
CA MET A 119 2.71 -24.07 1.94
C MET A 119 4.23 -24.23 2.02
N PRO A 120 4.94 -23.14 2.29
CA PRO A 120 6.40 -23.23 2.44
C PRO A 120 6.82 -23.87 3.76
N ASN A 121 7.50 -25.00 3.63
CA ASN A 121 7.93 -25.88 4.72
C ASN A 121 8.46 -25.07 5.88
N ARG A 122 7.80 -25.15 7.05
CA ARG A 122 8.17 -24.30 8.20
C ARG A 122 9.57 -24.57 8.76
N GLU A 123 10.05 -25.81 8.64
CA GLU A 123 11.36 -26.15 9.16
C GLU A 123 12.45 -25.68 8.22
N VAL A 124 12.22 -25.88 6.93
CA VAL A 124 13.18 -25.42 5.94
C VAL A 124 13.24 -23.89 5.92
N TYR A 125 12.09 -23.24 6.08
CA TYR A 125 12.00 -21.78 6.06
C TYR A 125 11.55 -21.30 7.43
N SER A 126 12.38 -21.61 8.41
CA SER A 126 12.13 -21.21 9.80
C SER A 126 12.56 -19.76 10.03
N THR A 127 13.33 -19.21 9.10
CA THR A 127 13.55 -17.78 8.98
C THR A 127 13.28 -17.41 7.54
N PRO A 128 12.98 -16.13 7.27
CA PRO A 128 12.56 -15.76 5.92
C PRO A 128 13.60 -16.04 4.83
N ALA A 129 13.11 -16.52 3.70
CA ALA A 129 13.92 -16.79 2.52
C ALA A 129 13.42 -15.91 1.38
N ALA A 130 14.24 -15.73 0.37
CA ALA A 130 13.86 -14.87 -0.74
C ALA A 130 14.50 -15.33 -2.03
N THR A 131 13.85 -14.96 -3.13
CA THR A 131 14.41 -15.11 -4.48
C THR A 131 14.08 -13.86 -5.27
N ILE A 132 15.08 -13.07 -5.63
CA ILE A 132 14.87 -11.90 -6.47
C ILE A 132 15.16 -12.23 -7.92
N SER A 133 14.18 -11.95 -8.76
CA SER A 133 14.33 -12.22 -10.18
C SER A 133 13.81 -11.09 -11.03
N ARG A 134 14.23 -11.12 -12.27
CA ARG A 134 13.79 -10.17 -13.24
C ARG A 134 12.30 -10.23 -13.40
N CYS A 135 11.72 -9.07 -13.61
CA CYS A 135 10.30 -8.97 -13.92
C CYS A 135 10.09 -8.05 -15.12
N GLY A 136 10.06 -8.64 -16.32
CA GLY A 136 9.88 -7.82 -17.51
C GLY A 136 8.48 -7.24 -17.51
N LEU A 137 8.36 -5.98 -17.95
CA LEU A 137 7.06 -5.30 -18.11
C LEU A 137 6.80 -5.03 -19.57
N ASP A 138 5.56 -5.29 -20.00
CA ASP A 138 5.06 -5.03 -21.35
C ASP A 138 5.99 -5.61 -22.41
N SER A 139 6.50 -6.80 -22.16
CA SER A 139 7.68 -7.29 -22.90
C SER A 139 7.48 -7.46 -24.38
N ILE A 140 6.32 -7.96 -24.78
CA ILE A 140 6.05 -8.12 -26.22
C ILE A 140 6.04 -6.77 -26.93
N ALA A 141 5.26 -5.83 -26.39
CA ALA A 141 5.10 -4.51 -26.99
C ALA A 141 6.38 -3.69 -27.03
N VAL A 142 7.25 -3.84 -26.04
CA VAL A 142 8.52 -3.10 -26.00
C VAL A 142 9.68 -3.96 -26.51
N ASP A 143 9.34 -5.12 -27.05
CA ASP A 143 10.33 -6.08 -27.53
C ASP A 143 11.48 -6.32 -26.56
N GLY A 144 11.15 -6.53 -25.29
CA GLY A 144 12.12 -6.95 -24.29
C GLY A 144 13.27 -5.98 -24.08
N ALA A 145 13.02 -4.68 -24.34
CA ALA A 145 14.05 -3.65 -24.10
C ALA A 145 14.62 -3.79 -22.69
N PRO A 146 15.97 -3.82 -22.55
CA PRO A 146 16.54 -4.01 -21.21
C PRO A 146 16.03 -3.04 -20.14
N SER A 147 15.77 -1.80 -20.50
CA SER A 147 15.27 -0.78 -19.55
C SER A 147 13.75 -0.82 -19.35
N ARG A 148 13.11 -1.94 -19.67
CA ARG A 148 11.68 -2.11 -19.41
C ARG A 148 11.39 -3.27 -18.43
N SER A 149 12.44 -3.67 -17.69
CA SER A 149 12.33 -4.65 -16.62
C SER A 149 12.52 -4.01 -15.24
N ILE A 150 11.72 -4.48 -14.30
CA ILE A 150 11.97 -4.25 -12.89
C ILE A 150 12.36 -5.57 -12.29
N ASP A 151 12.35 -5.66 -10.96
CA ASP A 151 12.52 -6.94 -10.25
C ASP A 151 11.28 -7.33 -9.47
N CYS A 152 11.06 -8.62 -9.29
CA CYS A 152 10.08 -9.11 -8.33
C CYS A 152 10.74 -10.17 -7.47
N MET A 153 10.75 -9.89 -6.17
CA MET A 153 11.32 -10.74 -5.16
C MET A 153 10.22 -11.49 -4.43
N LEU A 154 10.25 -12.81 -4.50
CA LEU A 154 9.41 -13.62 -3.63
C LEU A 154 10.06 -13.67 -2.26
N ILE A 155 9.29 -13.30 -1.22
CA ILE A 155 9.76 -13.51 0.14
C ILE A 155 8.89 -14.60 0.74
N ILE A 156 9.55 -15.55 1.40
CA ILE A 156 8.90 -16.71 1.96
C ILE A 156 8.92 -16.63 3.48
N ASN A 157 7.74 -16.61 4.09
CA ASN A 157 7.60 -16.67 5.55
C ASN A 157 8.22 -15.48 6.31
N LYS A 158 8.19 -14.29 5.72
CA LYS A 158 8.38 -13.09 6.49
C LYS A 158 7.16 -12.91 7.35
N PRO A 159 7.34 -12.76 8.66
CA PRO A 159 6.19 -12.71 9.56
C PRO A 159 5.23 -11.56 9.25
N LYS A 160 3.94 -11.84 9.42
CA LYS A 160 2.91 -10.80 9.35
C LYS A 160 1.73 -11.22 10.19
N GLY A 161 1.31 -10.34 11.10
CA GLY A 161 0.27 -10.64 12.07
C GLY A 161 0.34 -12.00 12.73
N VAL A 162 -0.72 -12.79 12.53
CA VAL A 162 -0.84 -14.12 13.11
C VAL A 162 -0.72 -15.22 12.03
N ALA A 163 -0.28 -14.86 10.82
CA ALA A 163 -0.16 -15.83 9.72
C ALA A 163 0.88 -16.89 10.08
N THR A 164 0.60 -18.14 9.76
CA THR A 164 1.58 -19.22 9.95
C THR A 164 2.55 -19.25 8.77
N TYR A 165 2.04 -19.01 7.56
CA TYR A 165 2.85 -18.96 6.33
C TYR A 165 2.58 -17.67 5.59
N THR A 166 3.60 -17.15 4.93
CA THR A 166 3.37 -16.00 4.06
C THR A 166 4.15 -16.14 2.75
N LEU A 167 3.57 -15.60 1.69
CA LEU A 167 4.22 -15.49 0.42
C LEU A 167 4.07 -14.04 0.02
N THR A 168 5.19 -13.39 -0.26
CA THR A 168 5.20 -11.99 -0.64
C THR A 168 5.76 -11.80 -2.02
N PHE A 169 5.02 -11.12 -2.88
CA PHE A 169 5.56 -10.68 -4.17
C PHE A 169 5.97 -9.21 -4.00
N ARG A 170 7.27 -8.93 -3.99
CA ARG A 170 7.75 -7.56 -3.78
C ARG A 170 8.38 -7.01 -5.04
N PHE A 171 7.74 -5.97 -5.57
CA PHE A 171 8.12 -5.38 -6.82
C PHE A 171 9.05 -4.21 -6.49
N LEU A 172 10.23 -4.24 -7.11
CA LEU A 172 11.39 -3.47 -6.72
C LEU A 172 12.11 -2.86 -7.93
N ASN A 173 12.92 -1.83 -7.66
CA ASN A 173 13.84 -1.29 -8.65
C ASN A 173 13.13 -0.74 -9.88
N PHE A 174 12.04 -0.02 -9.64
CA PHE A 174 11.35 0.70 -10.72
C PHE A 174 12.25 1.77 -11.34
N ASN A 175 13.26 2.23 -10.60
CA ASN A 175 14.18 3.20 -11.18
C ASN A 175 15.05 2.61 -12.28
N ARG A 176 15.00 1.29 -12.51
CA ARG A 176 15.64 0.68 -13.68
C ARG A 176 14.94 1.11 -15.00
N LEU A 177 13.67 1.50 -14.91
CA LEU A 177 12.85 1.80 -16.08
C LEU A 177 13.31 3.08 -16.74
N SER A 178 13.37 3.07 -18.07
CA SER A 178 13.71 4.30 -18.81
C SER A 178 12.59 5.36 -18.84
N GLY A 179 11.37 4.93 -18.56
CA GLY A 179 10.23 5.84 -18.48
C GLY A 179 8.95 5.09 -18.14
N GLY A 180 7.82 5.79 -18.19
CA GLY A 180 6.52 5.21 -17.89
C GLY A 180 6.32 3.93 -18.69
N THR A 181 5.92 2.86 -18.00
CA THR A 181 5.77 1.56 -18.61
C THR A 181 4.47 0.90 -18.17
N LEU A 182 3.75 0.28 -19.10
CA LEU A 182 2.55 -0.47 -18.76
C LEU A 182 2.93 -1.58 -17.74
N PHE A 183 2.21 -1.65 -16.62
CA PHE A 183 2.51 -2.65 -15.57
C PHE A 183 1.82 -3.96 -15.93
N LYS A 184 2.35 -4.59 -16.99
CA LYS A 184 1.85 -5.85 -17.47
C LYS A 184 3.04 -6.82 -17.36
N THR A 185 3.11 -7.55 -16.26
CA THR A 185 4.30 -8.36 -16.01
C THR A 185 4.38 -9.56 -16.90
N ASP A 186 5.62 -10.02 -17.05
CA ASP A 186 5.87 -11.36 -17.54
C ASP A 186 5.20 -12.41 -16.64
N VAL A 187 5.14 -13.65 -17.15
CA VAL A 187 4.88 -14.80 -16.30
C VAL A 187 6.12 -15.04 -15.47
N LEU A 188 5.93 -15.06 -14.16
CA LEU A 188 7.00 -15.21 -13.20
C LEU A 188 6.88 -16.59 -12.56
N THR A 189 8.04 -17.20 -12.29
CA THR A 189 8.14 -18.52 -11.67
C THR A 189 9.12 -18.49 -10.52
N PHE A 190 8.72 -19.09 -9.40
CA PHE A 190 9.58 -19.34 -8.23
C PHE A 190 9.35 -20.75 -7.74
N THR A 191 10.25 -21.24 -6.89
CA THR A 191 10.18 -22.58 -6.37
C THR A 191 10.59 -22.63 -4.90
N TYR A 192 9.90 -23.46 -4.12
CA TYR A 192 10.29 -23.67 -2.73
C TYR A 192 9.94 -25.07 -2.29
N VAL A 193 10.50 -25.49 -1.15
CA VAL A 193 10.17 -26.81 -0.60
C VAL A 193 8.79 -26.81 0.08
N GLY A 194 7.91 -27.72 -0.32
CA GLY A 194 6.57 -27.79 0.27
C GLY A 194 6.56 -28.34 1.67
N GLU A 195 5.53 -27.94 2.42
CA GLU A 195 5.30 -28.40 3.76
C GLU A 195 4.88 -29.87 3.75
N ASN A 196 5.12 -30.56 4.86
CA ASN A 196 4.70 -31.95 4.99
C ASN A 196 3.30 -32.01 5.56
N GLN A 197 2.57 -33.05 5.15
CA GLN A 197 1.18 -33.21 5.53
C GLN A 197 1.06 -33.27 7.06
N ALA B 16 8.38 -43.47 -10.37
CA ALA B 16 8.08 -42.71 -9.14
C ALA B 16 8.97 -41.47 -9.02
N PRO B 17 8.53 -40.47 -8.24
CA PRO B 17 9.42 -39.33 -7.94
C PRO B 17 10.40 -39.68 -6.84
N ILE B 18 11.44 -38.88 -6.70
CA ILE B 18 12.42 -39.10 -5.66
C ILE B 18 13.17 -37.80 -5.40
N THR B 19 13.43 -37.53 -4.12
CA THR B 19 14.18 -36.36 -3.68
C THR B 19 15.39 -36.78 -2.85
N LEU B 20 16.55 -36.24 -3.21
CA LEU B 20 17.78 -36.34 -2.45
C LEU B 20 18.09 -34.94 -1.95
N TRP B 21 18.50 -34.85 -0.70
CA TRP B 21 18.82 -33.57 -0.10
C TRP B 21 19.75 -33.66 1.10
N THR B 22 20.14 -32.48 1.57
CA THR B 22 20.95 -32.29 2.75
C THR B 22 20.13 -32.30 4.04
N GLY B 23 18.81 -32.15 3.91
CA GLY B 23 17.96 -31.87 5.05
C GLY B 23 17.96 -30.38 5.35
N PRO B 24 17.08 -29.95 6.25
CA PRO B 24 17.01 -28.55 6.67
C PRO B 24 18.18 -28.26 7.63
N GLY B 25 18.54 -27.00 7.77
CA GLY B 25 19.58 -26.64 8.73
C GLY B 25 20.86 -27.46 8.58
N PRO B 26 21.45 -27.43 7.38
CA PRO B 26 22.65 -28.18 7.13
C PRO B 26 23.82 -27.68 7.95
N SER B 27 24.78 -28.57 8.21
CA SER B 27 26.02 -28.20 8.85
C SER B 27 26.87 -27.38 7.89
N ILE B 28 28.05 -26.98 8.32
CA ILE B 28 28.99 -26.33 7.42
C ILE B 28 29.59 -27.44 6.55
N ASN B 29 28.98 -27.65 5.39
CA ASN B 29 29.19 -28.82 4.57
C ASN B 29 29.78 -28.50 3.21
N GLY B 30 30.13 -27.24 2.97
CA GLY B 30 30.82 -26.84 1.73
C GLY B 30 32.26 -26.53 2.06
N PHE B 31 33.17 -27.33 1.53
CA PHE B 31 34.58 -27.27 1.86
C PHE B 31 35.36 -26.59 0.75
N ILE B 32 36.29 -25.71 1.11
CA ILE B 32 37.22 -25.14 0.15
C ILE B 32 38.59 -25.40 0.75
N ASN B 33 39.44 -26.10 -0.01
CA ASN B 33 40.75 -26.55 0.49
C ASN B 33 40.66 -27.26 1.85
N ASP B 34 39.70 -28.18 1.93
CA ASP B 34 39.48 -29.05 3.08
C ASP B 34 39.03 -28.34 4.35
N THR B 35 38.59 -27.08 4.21
CA THR B 35 38.12 -26.27 5.32
C THR B 35 36.63 -26.02 5.12
N PRO B 36 35.80 -26.36 6.13
CA PRO B 36 34.37 -26.09 6.00
C PRO B 36 34.09 -24.59 6.09
N VAL B 37 33.53 -24.00 5.03
CA VAL B 37 33.31 -22.57 4.98
C VAL B 37 31.90 -22.14 4.59
N ILE B 38 31.10 -23.02 4.00
CA ILE B 38 29.77 -22.62 3.55
C ILE B 38 28.74 -23.66 3.99
N ARG B 39 27.61 -23.19 4.51
CA ARG B 39 26.45 -24.03 4.78
C ARG B 39 25.59 -24.12 3.53
N CYS B 40 25.46 -25.33 2.99
CA CYS B 40 24.79 -25.58 1.70
C CYS B 40 23.51 -26.39 1.89
N PHE B 41 22.39 -25.75 1.61
CA PHE B 41 21.13 -26.46 1.51
C PHE B 41 20.95 -26.85 0.05
N ILE B 42 20.87 -28.15 -0.23
CA ILE B 42 20.78 -28.64 -1.59
C ILE B 42 19.67 -29.69 -1.63
N CYS B 43 18.78 -29.52 -2.59
CA CYS B 43 17.65 -30.43 -2.80
C CYS B 43 17.56 -30.75 -4.29
N LEU B 44 17.57 -32.04 -4.62
CA LEU B 44 17.38 -32.54 -5.98
C LEU B 44 16.08 -33.32 -6.00
N THR B 45 15.07 -32.78 -6.69
CA THR B 45 13.77 -33.43 -6.74
C THR B 45 13.46 -33.85 -8.15
N ARG B 46 13.39 -35.16 -8.36
CA ARG B 46 13.01 -35.72 -9.64
C ARG B 46 11.51 -35.96 -9.65
N ASP B 47 10.83 -35.36 -10.61
CA ASP B 47 9.43 -35.68 -10.87
C ASP B 47 9.37 -36.62 -12.07
N SER B 48 8.44 -36.45 -13.03
CA SER B 48 8.29 -37.49 -14.04
C SER B 48 9.56 -37.61 -14.90
N ASN B 49 10.12 -36.48 -15.31
CA ASN B 49 11.19 -36.45 -16.30
C ASN B 49 12.34 -35.50 -15.93
N LEU B 50 12.00 -34.34 -15.39
CA LEU B 50 13.00 -33.34 -15.05
C LEU B 50 13.34 -33.41 -13.58
N VAL B 51 14.56 -32.99 -13.27
CA VAL B 51 15.06 -32.79 -11.93
C VAL B 51 15.16 -31.28 -11.67
N THR B 52 14.61 -30.85 -10.55
CA THR B 52 14.70 -29.49 -10.10
C THR B 52 15.73 -29.45 -8.98
N VAL B 53 16.71 -28.55 -9.13
CA VAL B 53 17.71 -28.26 -8.13
C VAL B 53 17.23 -27.04 -7.39
N ASN B 54 17.06 -27.17 -6.08
CA ASN B 54 16.66 -26.06 -5.22
C ASN B 54 17.77 -25.94 -4.17
N ALA B 55 18.41 -24.78 -4.06
CA ALA B 55 19.60 -24.63 -3.25
C ALA B 55 19.73 -23.26 -2.63
N SER B 56 20.43 -23.19 -1.50
CA SER B 56 20.76 -21.91 -0.91
C SER B 56 22.00 -22.10 -0.06
N PHE B 57 22.72 -21.00 0.12
CA PHE B 57 24.03 -21.04 0.75
C PHE B 57 24.19 -19.91 1.76
N VAL B 58 24.89 -20.21 2.84
CA VAL B 58 25.26 -19.20 3.85
C VAL B 58 26.74 -19.37 4.19
N GLY B 59 27.52 -18.32 3.93
CA GLY B 59 28.93 -18.30 4.24
C GLY B 59 29.20 -18.19 5.73
N GLU B 60 30.27 -18.84 6.15
CA GLU B 60 30.72 -18.80 7.51
C GLU B 60 32.17 -18.41 7.58
N GLY B 61 32.61 -17.94 8.75
CA GLY B 61 33.99 -17.59 8.95
C GLY B 61 34.47 -16.52 7.98
N GLY B 62 35.55 -16.82 7.27
CA GLY B 62 36.11 -15.92 6.28
C GLY B 62 35.18 -15.70 5.09
N TYR B 63 34.15 -16.54 4.98
CA TYR B 63 33.15 -16.43 3.92
C TYR B 63 31.83 -15.82 4.37
N ARG B 64 31.78 -15.32 5.59
CA ARG B 64 30.55 -14.72 6.11
C ARG B 64 30.14 -13.50 5.31
N ILE B 65 31.13 -12.65 5.06
CA ILE B 65 31.00 -11.48 4.20
C ILE B 65 31.87 -11.68 2.96
N VAL B 66 31.32 -11.37 1.79
CA VAL B 66 32.08 -11.41 0.55
C VAL B 66 32.21 -10.00 0.00
N SER B 67 33.30 -9.75 -0.68
CA SER B 67 33.55 -8.43 -1.19
C SER B 67 33.67 -8.43 -2.70
N PRO B 68 33.63 -7.25 -3.31
CA PRO B 68 33.83 -7.16 -4.74
C PRO B 68 35.09 -7.83 -5.30
N THR B 69 36.15 -7.95 -4.49
CA THR B 69 37.39 -8.56 -4.94
C THR B 69 37.49 -10.06 -4.61
N GLN B 70 36.41 -10.67 -4.13
CA GLN B 70 36.40 -12.08 -3.79
C GLN B 70 36.82 -12.95 -4.96
N SER B 71 37.60 -13.98 -4.68
CA SER B 71 38.00 -14.93 -5.70
C SER B 71 36.80 -15.80 -6.02
N GLN B 72 36.52 -15.96 -7.31
CA GLN B 72 35.45 -16.85 -7.75
C GLN B 72 35.83 -18.28 -7.38
N PHE B 73 34.83 -19.15 -7.21
CA PHE B 73 35.10 -20.50 -6.79
C PHE B 73 33.91 -21.41 -7.09
N SER B 74 34.19 -22.71 -7.11
CA SER B 74 33.18 -23.73 -7.36
C SER B 74 33.01 -24.67 -6.19
N LEU B 75 31.77 -25.14 -6.01
CA LEU B 75 31.48 -26.20 -5.07
C LEU B 75 30.94 -27.33 -5.93
N ILE B 76 31.72 -28.41 -6.04
CA ILE B 76 31.39 -29.54 -6.91
C ILE B 76 30.86 -30.72 -6.09
N MET B 77 29.75 -31.31 -6.55
CA MET B 77 29.22 -32.57 -6.07
C MET B 77 29.55 -33.66 -7.08
N GLU B 78 30.13 -34.77 -6.62
CA GLU B 78 30.51 -35.91 -7.48
C GLU B 78 29.63 -37.09 -7.15
N PHE B 79 29.02 -37.71 -8.16
CA PHE B 79 28.18 -38.90 -7.96
C PHE B 79 28.69 -40.08 -8.81
N ASP B 80 28.56 -41.29 -8.27
CA ASP B 80 28.92 -42.50 -9.02
C ASP B 80 27.80 -42.88 -9.98
N GLN B 81 27.93 -44.02 -10.64
CA GLN B 81 26.99 -44.42 -11.69
C GLN B 81 25.60 -44.75 -11.20
N PHE B 82 25.46 -44.95 -9.90
CA PHE B 82 24.19 -45.27 -9.25
C PHE B 82 23.57 -44.05 -8.56
N GLY B 83 24.17 -42.88 -8.77
CA GLY B 83 23.69 -41.66 -8.13
C GLY B 83 24.00 -41.52 -6.65
N GLN B 84 25.02 -42.25 -6.18
CA GLN B 84 25.51 -42.08 -4.81
C GLN B 84 26.57 -40.99 -4.76
N LEU B 85 26.36 -40.04 -3.85
CA LEU B 85 27.28 -38.93 -3.64
C LEU B 85 28.62 -39.48 -3.18
N MET B 86 29.69 -39.02 -3.82
CA MET B 86 31.03 -39.47 -3.51
C MET B 86 31.69 -38.58 -2.44
N SER B 87 32.81 -39.04 -1.90
CA SER B 87 33.47 -38.37 -0.79
C SER B 87 34.41 -37.23 -1.21
N THR B 88 34.63 -37.07 -2.51
CA THR B 88 35.75 -36.27 -3.01
C THR B 88 35.40 -34.86 -3.52
N GLY B 89 34.12 -34.56 -3.66
CA GLY B 89 33.70 -33.19 -4.01
C GLY B 89 33.78 -32.20 -2.86
N ASN B 90 33.50 -30.94 -3.16
CA ASN B 90 33.43 -29.90 -2.13
C ASN B 90 32.24 -30.07 -1.22
N ILE B 91 31.18 -30.64 -1.77
CA ILE B 91 30.00 -31.06 -1.00
C ILE B 91 29.94 -32.56 -1.21
N ASN B 92 29.99 -33.31 -0.12
CA ASN B 92 30.33 -34.73 -0.24
C ASN B 92 29.72 -35.60 0.83
N SER B 93 29.97 -36.91 0.71
CA SER B 93 29.28 -37.90 1.51
C SER B 93 29.71 -37.94 2.98
N THR B 94 30.68 -37.11 3.37
CA THR B 94 31.09 -37.04 4.78
C THR B 94 30.09 -36.23 5.62
N THR B 95 29.16 -35.54 4.97
CA THR B 95 28.10 -34.83 5.68
C THR B 95 26.72 -35.36 5.29
N THR B 96 25.69 -34.88 5.99
CA THR B 96 24.34 -35.37 5.79
C THR B 96 23.83 -35.23 4.36
N TRP B 97 23.33 -36.35 3.85
CA TRP B 97 22.85 -36.43 2.46
C TRP B 97 22.10 -37.73 2.29
N GLY B 98 20.97 -37.66 1.63
CA GLY B 98 20.16 -38.85 1.44
C GLY B 98 18.77 -38.47 1.00
N GLU B 99 17.87 -39.46 1.05
CA GLU B 99 16.57 -39.30 0.47
C GLU B 99 15.61 -38.63 1.45
N LYS B 100 14.75 -37.76 0.94
CA LYS B 100 13.67 -37.17 1.75
C LYS B 100 12.42 -38.02 1.58
N PRO B 101 11.94 -38.65 2.66
CA PRO B 101 10.66 -39.30 2.53
C PRO B 101 9.54 -38.29 2.35
N TRP B 102 8.51 -38.67 1.60
CA TRP B 102 7.33 -37.83 1.51
C TRP B 102 6.70 -37.86 2.91
N GLY B 103 6.38 -36.67 3.41
CA GLY B 103 5.75 -36.60 4.70
C GLY B 103 6.60 -36.21 5.88
N ASN B 104 7.92 -36.21 5.76
CA ASN B 104 8.76 -35.67 6.83
C ASN B 104 10.07 -35.07 6.34
N ASN B 105 10.81 -34.46 7.25
CA ASN B 105 12.06 -33.76 6.91
C ASN B 105 13.34 -34.55 7.24
N THR B 106 13.23 -35.86 7.35
CA THR B 106 14.41 -36.68 7.59
C THR B 106 15.28 -36.79 6.35
N VAL B 107 16.47 -37.33 6.57
CA VAL B 107 17.44 -37.61 5.51
C VAL B 107 17.80 -39.09 5.62
N GLN B 108 17.35 -39.88 4.65
CA GLN B 108 17.53 -41.33 4.69
C GLN B 108 18.78 -41.79 3.91
N PRO B 109 19.74 -42.42 4.61
CA PRO B 109 21.00 -42.88 3.97
C PRO B 109 20.89 -44.16 3.15
N ARG B 110 19.81 -44.91 3.32
CA ARG B 110 19.71 -46.22 2.63
C ARG B 110 19.55 -45.97 1.11
N PRO B 111 20.56 -46.34 0.30
CA PRO B 111 20.42 -46.07 -1.13
C PRO B 111 19.34 -46.91 -1.79
N SER B 112 18.90 -46.46 -2.96
CA SER B 112 17.87 -47.14 -3.72
C SER B 112 18.21 -47.10 -5.21
N HIS B 113 17.57 -47.98 -5.98
CA HIS B 113 17.66 -47.93 -7.45
C HIS B 113 17.15 -46.59 -7.98
N THR B 114 16.21 -46.00 -7.26
CA THR B 114 15.64 -44.71 -7.65
C THR B 114 16.62 -43.52 -7.60
N TRP B 115 17.70 -43.63 -6.84
CA TRP B 115 18.58 -42.46 -6.68
C TRP B 115 19.23 -42.02 -8.01
N LYS B 116 19.49 -42.97 -8.92
CA LYS B 116 19.95 -42.66 -10.25
C LYS B 116 19.05 -41.65 -10.97
N LEU B 117 17.78 -41.67 -10.65
CA LEU B 117 16.81 -40.82 -11.33
C LEU B 117 17.00 -39.31 -11.07
N CYS B 118 17.72 -38.96 -10.01
CA CYS B 118 18.12 -37.60 -9.77
C CYS B 118 19.32 -37.11 -10.52
N MET B 119 20.01 -37.99 -11.24
CA MET B 119 21.25 -37.62 -11.91
C MET B 119 20.95 -36.99 -13.26
N PRO B 120 21.86 -36.13 -13.75
CA PRO B 120 21.65 -35.55 -15.08
C PRO B 120 21.91 -36.57 -16.19
N ASN B 121 20.89 -36.77 -17.01
CA ASN B 121 20.85 -37.75 -18.09
C ASN B 121 22.14 -37.79 -18.87
N ARG B 122 22.84 -38.93 -18.88
CA ARG B 122 24.19 -38.97 -19.47
C ARG B 122 24.19 -38.73 -20.97
N GLU B 123 23.16 -39.20 -21.66
CA GLU B 123 23.11 -39.02 -23.12
C GLU B 123 22.82 -37.55 -23.44
N VAL B 124 21.82 -36.98 -22.77
CA VAL B 124 21.50 -35.56 -22.98
C VAL B 124 22.69 -34.65 -22.66
N TYR B 125 23.42 -34.95 -21.59
CA TYR B 125 24.53 -34.14 -21.15
C TYR B 125 25.83 -34.90 -21.33
N SER B 126 26.04 -35.44 -22.53
CA SER B 126 27.34 -36.06 -22.85
C SER B 126 28.42 -34.99 -23.03
N THR B 127 28.01 -33.80 -23.44
CA THR B 127 28.83 -32.59 -23.34
C THR B 127 28.25 -31.76 -22.19
N PRO B 128 29.13 -31.15 -21.41
CA PRO B 128 28.63 -30.39 -20.25
C PRO B 128 27.72 -29.20 -20.61
N ALA B 129 26.73 -28.99 -19.75
CA ALA B 129 25.71 -27.96 -19.90
C ALA B 129 25.83 -27.00 -18.73
N ALA B 130 25.26 -25.82 -18.88
CA ALA B 130 25.32 -24.84 -17.81
C ALA B 130 24.11 -23.94 -17.84
N THR B 131 23.81 -23.34 -16.68
CA THR B 131 22.83 -22.27 -16.55
C THR B 131 23.41 -21.29 -15.56
N ILE B 132 23.70 -20.09 -16.04
CA ILE B 132 24.13 -19.00 -15.18
C ILE B 132 22.93 -18.13 -14.88
N SER B 133 22.73 -17.91 -13.58
CA SER B 133 21.60 -17.13 -13.10
CA SER B 133 21.60 -17.13 -13.10
C SER B 133 22.00 -16.17 -12.00
N ARG B 134 21.21 -15.12 -11.85
CA ARG B 134 21.37 -14.19 -10.76
C ARG B 134 21.40 -14.93 -9.42
N CYS B 135 22.19 -14.41 -8.49
CA CYS B 135 22.24 -14.93 -7.13
C CYS B 135 22.21 -13.73 -6.18
N GLY B 136 21.01 -13.32 -5.77
CA GLY B 136 20.85 -12.22 -4.82
C GLY B 136 21.51 -12.58 -3.51
N LEU B 137 22.17 -11.59 -2.90
CA LEU B 137 22.77 -11.77 -1.57
C LEU B 137 22.07 -10.87 -0.58
N ASP B 138 21.76 -11.43 0.58
CA ASP B 138 21.17 -10.67 1.68
C ASP B 138 19.96 -9.85 1.23
N SER B 139 19.15 -10.45 0.37
CA SER B 139 18.22 -9.68 -0.42
C SER B 139 17.12 -9.01 0.40
N ILE B 140 16.63 -9.66 1.44
CA ILE B 140 15.57 -9.03 2.24
C ILE B 140 16.13 -7.78 2.95
N ALA B 141 17.29 -7.94 3.60
CA ALA B 141 17.92 -6.84 4.33
C ALA B 141 18.29 -5.64 3.45
N VAL B 142 18.75 -5.92 2.24
CA VAL B 142 19.18 -4.85 1.31
C VAL B 142 18.03 -4.43 0.37
N ASP B 143 16.84 -4.98 0.60
CA ASP B 143 15.67 -4.78 -0.24
C ASP B 143 15.98 -4.91 -1.72
N GLY B 144 16.71 -5.96 -2.06
CA GLY B 144 16.94 -6.29 -3.47
C GLY B 144 17.70 -5.28 -4.29
N ALA B 145 18.57 -4.49 -3.65
CA ALA B 145 19.34 -3.50 -4.38
C ALA B 145 20.07 -4.22 -5.54
N PRO B 146 20.00 -3.64 -6.75
CA PRO B 146 20.64 -4.30 -7.89
C PRO B 146 22.11 -4.68 -7.72
N SER B 147 22.88 -3.86 -7.00
CA SER B 147 24.32 -4.04 -6.84
C SER B 147 24.66 -5.01 -5.69
N ARG B 148 23.67 -5.76 -5.24
CA ARG B 148 23.86 -6.74 -4.17
C ARG B 148 23.65 -8.17 -4.66
N SER B 149 23.72 -8.35 -5.96
CA SER B 149 23.67 -9.69 -6.58
C SER B 149 25.02 -10.12 -7.18
N ILE B 150 25.31 -11.41 -7.05
CA ILE B 150 26.34 -12.06 -7.83
C ILE B 150 25.67 -13.02 -8.79
N ASP B 151 26.45 -13.90 -9.41
CA ASP B 151 25.90 -14.93 -10.28
C ASP B 151 26.25 -16.28 -9.68
N CYS B 152 25.37 -17.28 -9.84
CA CYS B 152 25.71 -18.67 -9.54
C CYS B 152 25.38 -19.46 -10.79
N MET B 153 26.40 -20.12 -11.34
CA MET B 153 26.24 -20.95 -12.52
C MET B 153 26.24 -22.41 -12.09
N LEU B 154 25.18 -23.12 -12.47
CA LEU B 154 25.18 -24.58 -12.33
C LEU B 154 25.83 -25.15 -13.58
N ILE B 155 26.87 -25.95 -13.39
CA ILE B 155 27.48 -26.73 -14.47
C ILE B 155 27.08 -28.20 -14.29
N ILE B 156 26.57 -28.78 -15.36
CA ILE B 156 26.05 -30.14 -15.38
C ILE B 156 27.05 -31.07 -16.09
N ASN B 157 27.53 -32.11 -15.38
CA ASN B 157 28.43 -33.11 -15.95
C ASN B 157 29.74 -32.56 -16.56
N LYS B 158 30.27 -31.51 -15.96
CA LYS B 158 31.67 -31.12 -16.20
C LYS B 158 32.51 -32.25 -15.63
N PRO B 159 33.35 -32.91 -16.46
CA PRO B 159 34.07 -34.08 -15.96
C PRO B 159 34.97 -33.77 -14.78
N LYS B 160 34.98 -34.64 -13.77
CA LYS B 160 35.91 -34.55 -12.67
C LYS B 160 36.33 -35.94 -12.27
N GLY B 161 37.63 -36.20 -12.25
CA GLY B 161 38.20 -37.47 -11.77
C GLY B 161 37.46 -38.68 -12.28
N VAL B 162 36.95 -39.49 -11.36
CA VAL B 162 36.29 -40.74 -11.69
C VAL B 162 34.77 -40.67 -11.49
N ALA B 163 34.23 -39.48 -11.30
CA ALA B 163 32.80 -39.32 -11.13
C ALA B 163 32.05 -39.67 -12.43
N THR B 164 30.87 -40.28 -12.29
CA THR B 164 29.97 -40.47 -13.44
C THR B 164 29.12 -39.25 -13.74
N TYR B 165 28.62 -38.61 -12.67
CA TYR B 165 27.83 -37.37 -12.79
C TYR B 165 28.43 -36.31 -11.88
N THR B 166 28.30 -35.04 -12.27
CA THR B 166 28.73 -33.96 -11.42
C THR B 166 27.72 -32.82 -11.51
N LEU B 167 27.57 -32.13 -10.39
CA LEU B 167 26.87 -30.86 -10.34
C LEU B 167 27.80 -29.86 -9.69
N THR B 168 28.05 -28.77 -10.38
CA THR B 168 28.95 -27.73 -9.89
C THR B 168 28.19 -26.42 -9.70
N PHE B 169 28.28 -25.88 -8.49
CA PHE B 169 27.80 -24.53 -8.20
C PHE B 169 29.00 -23.58 -8.22
N ARG B 170 29.07 -22.78 -9.26
CA ARG B 170 30.18 -21.85 -9.42
C ARG B 170 29.71 -20.42 -9.17
N PHE B 171 30.35 -19.80 -8.18
CA PHE B 171 29.94 -18.46 -7.77
C PHE B 171 30.87 -17.47 -8.45
N LEU B 172 30.23 -16.55 -9.19
CA LEU B 172 30.92 -15.69 -10.16
C LEU B 172 30.50 -14.25 -10.01
N ASN B 173 31.35 -13.36 -10.49
CA ASN B 173 31.02 -11.97 -10.69
C ASN B 173 30.71 -11.27 -9.38
N PHE B 174 31.48 -11.62 -8.36
CA PHE B 174 31.56 -10.83 -7.13
C PHE B 174 31.88 -9.36 -7.39
N ASN B 175 32.61 -9.08 -8.46
CA ASN B 175 32.91 -7.70 -8.84
C ASN B 175 31.71 -6.88 -9.29
N ARG B 176 30.52 -7.49 -9.39
CA ARG B 176 29.23 -6.79 -9.58
C ARG B 176 28.80 -6.06 -8.28
N LEU B 177 29.29 -6.55 -7.14
CA LEU B 177 28.85 -6.02 -5.85
C LEU B 177 29.37 -4.60 -5.66
N SER B 178 28.53 -3.77 -5.05
CA SER B 178 28.94 -2.38 -4.74
C SER B 178 29.81 -2.28 -3.49
N GLY B 179 29.86 -3.34 -2.69
CA GLY B 179 30.70 -3.40 -1.51
C GLY B 179 30.49 -4.70 -0.77
N GLY B 180 31.05 -4.81 0.42
CA GLY B 180 30.91 -6.01 1.23
C GLY B 180 29.45 -6.36 1.43
N THR B 181 29.13 -7.64 1.31
CA THR B 181 27.77 -8.14 1.42
C THR B 181 27.76 -9.49 2.12
N LEU B 182 26.79 -9.68 3.01
CA LEU B 182 26.63 -10.95 3.73
C LEU B 182 26.37 -12.05 2.69
N PHE B 183 27.16 -13.13 2.74
CA PHE B 183 27.03 -14.23 1.78
C PHE B 183 25.88 -15.13 2.21
N LYS B 184 24.66 -14.61 2.04
CA LYS B 184 23.42 -15.26 2.42
C LYS B 184 22.57 -15.28 1.15
N THR B 185 22.65 -16.37 0.40
CA THR B 185 22.07 -16.35 -0.92
C THR B 185 20.54 -16.48 -0.92
N ASP B 186 19.97 -15.98 -1.99
CA ASP B 186 18.61 -16.35 -2.34
C ASP B 186 18.46 -17.85 -2.50
N VAL B 187 17.21 -18.29 -2.49
CA VAL B 187 16.84 -19.63 -2.92
C VAL B 187 17.01 -19.67 -4.44
N LEU B 188 17.90 -20.56 -4.90
CA LEU B 188 18.23 -20.69 -6.32
C LEU B 188 17.59 -21.97 -6.86
N THR B 189 17.15 -21.92 -8.11
CA THR B 189 16.54 -23.03 -8.76
C THR B 189 17.14 -23.24 -10.14
N PHE B 190 17.43 -24.52 -10.43
CA PHE B 190 17.87 -24.96 -11.76
C PHE B 190 17.09 -26.21 -12.15
N THR B 191 17.15 -26.57 -13.43
CA THR B 191 16.41 -27.69 -13.99
C THR B 191 17.23 -28.41 -15.04
N TYR B 192 17.20 -29.74 -14.99
CA TYR B 192 17.82 -30.54 -16.04
C TYR B 192 17.03 -31.84 -16.27
N VAL B 193 17.29 -32.47 -17.41
CA VAL B 193 16.62 -33.73 -17.76
C VAL B 193 17.22 -34.86 -16.92
N GLY B 194 16.39 -35.61 -16.21
CA GLY B 194 16.86 -36.72 -15.39
C GLY B 194 17.30 -37.96 -16.16
N GLU B 195 18.12 -38.76 -15.48
CA GLU B 195 18.61 -40.02 -16.00
C GLU B 195 17.48 -41.05 -16.04
N ASN B 196 17.65 -42.04 -16.90
CA ASN B 196 16.70 -43.14 -16.98
C ASN B 196 17.09 -44.25 -16.03
N GLN B 197 16.11 -44.95 -15.47
CA GLN B 197 16.40 -46.05 -14.54
C GLN B 197 17.27 -47.11 -15.23
N ALA C 16 -10.30 13.37 33.29
CA ALA C 16 -8.99 13.97 32.96
C ALA C 16 -8.69 13.75 31.47
N PRO C 17 -8.01 14.75 30.89
CA PRO C 17 -7.64 14.70 29.48
C PRO C 17 -6.46 13.74 29.31
N ILE C 18 -6.27 13.30 28.08
CA ILE C 18 -5.14 12.48 27.70
C ILE C 18 -4.87 12.71 26.20
N THR C 19 -3.58 12.82 25.84
CA THR C 19 -3.14 12.94 24.47
C THR C 19 -2.20 11.78 24.15
N LEU C 20 -2.45 11.13 23.01
CA LEU C 20 -1.57 10.16 22.41
C LEU C 20 -1.03 10.76 21.11
N TRP C 21 0.26 10.55 20.85
CA TRP C 21 0.83 11.10 19.63
C TRP C 21 2.08 10.39 19.20
N THR C 22 2.51 10.73 17.99
CA THR C 22 3.78 10.24 17.42
C THR C 22 4.99 10.97 18.01
N GLY C 23 4.76 12.10 18.66
CA GLY C 23 5.79 13.08 18.95
C GLY C 23 6.11 13.93 17.76
N PRO C 24 6.84 15.02 18.00
CA PRO C 24 7.27 15.87 16.89
C PRO C 24 8.36 15.18 16.05
N GLY C 25 8.59 15.71 14.86
CA GLY C 25 9.64 15.19 13.99
C GLY C 25 9.59 13.70 13.74
N PRO C 26 8.44 13.20 13.27
CA PRO C 26 8.31 11.77 13.06
C PRO C 26 9.33 11.20 12.07
N SER C 27 9.70 9.95 12.29
CA SER C 27 10.45 9.18 11.31
C SER C 27 9.54 8.88 10.13
N ILE C 28 10.06 8.16 9.13
CA ILE C 28 9.21 7.75 8.02
C ILE C 28 8.41 6.53 8.51
N ASN C 29 7.21 6.83 8.99
CA ASN C 29 6.42 5.92 9.83
C ASN C 29 5.08 5.50 9.24
N GLY C 30 4.79 5.95 8.01
CA GLY C 30 3.61 5.50 7.27
C GLY C 30 4.05 4.60 6.12
N PHE C 31 3.59 3.37 6.17
CA PHE C 31 3.95 2.32 5.22
C PHE C 31 2.85 2.16 4.17
N ILE C 32 3.26 2.09 2.90
CA ILE C 32 2.39 1.67 1.83
C ILE C 32 2.91 0.31 1.34
N ASN C 33 2.10 -0.73 1.60
CA ASN C 33 2.46 -2.12 1.30
C ASN C 33 3.92 -2.45 1.64
N ASP C 34 4.21 -2.23 2.91
CA ASP C 34 5.43 -2.61 3.58
C ASP C 34 6.67 -1.78 3.16
N THR C 35 6.44 -0.59 2.60
CA THR C 35 7.52 0.36 2.29
C THR C 35 7.27 1.70 3.04
N PRO C 36 8.26 2.14 3.85
CA PRO C 36 8.08 3.42 4.54
C PRO C 36 8.21 4.56 3.55
N VAL C 37 7.11 5.31 3.39
CA VAL C 37 7.03 6.36 2.38
C VAL C 37 6.47 7.68 2.86
N ILE C 38 5.83 7.73 4.01
CA ILE C 38 5.23 8.98 4.50
C ILE C 38 5.64 9.21 5.97
N ARG C 39 6.03 10.44 6.27
CA ARG C 39 6.22 10.88 7.64
C ARG C 39 4.89 11.43 8.16
N CYS C 40 4.37 10.80 9.22
CA CYS C 40 3.06 11.09 9.78
C CYS C 40 3.20 11.68 11.17
N PHE C 41 2.78 12.93 11.32
CA PHE C 41 2.57 13.52 12.63
C PHE C 41 1.11 13.35 12.98
N ILE C 42 0.85 12.59 14.04
CA ILE C 42 -0.51 12.33 14.45
CA ILE C 42 -0.50 12.22 14.46
C ILE C 42 -0.67 12.56 15.95
N CYS C 43 -1.69 13.33 16.29
CA CYS C 43 -1.99 13.67 17.66
C CYS C 43 -3.48 13.42 17.90
N LEU C 44 -3.80 12.63 18.92
CA LEU C 44 -5.18 12.39 19.37
C LEU C 44 -5.32 12.96 20.78
N THR C 45 -6.06 14.05 20.92
CA THR C 45 -6.26 14.70 22.18
C THR C 45 -7.70 14.52 22.65
N ARG C 46 -7.85 13.82 23.76
CA ARG C 46 -9.14 13.64 24.42
C ARG C 46 -9.28 14.71 25.48
N ASP C 47 -10.32 15.54 25.37
CA ASP C 47 -10.63 16.48 26.42
C ASP C 47 -11.82 15.87 27.21
N SER C 48 -12.86 16.60 27.54
CA SER C 48 -13.87 16.00 28.42
C SER C 48 -14.59 14.82 27.76
N ASN C 49 -14.94 14.98 26.49
CA ASN C 49 -15.81 14.00 25.81
C ASN C 49 -15.36 13.65 24.40
N LEU C 50 -14.90 14.63 23.67
CA LEU C 50 -14.51 14.46 22.28
C LEU C 50 -13.00 14.31 22.16
N VAL C 51 -12.61 13.54 21.14
CA VAL C 51 -11.26 13.45 20.71
C VAL C 51 -11.08 14.31 19.46
N THR C 52 -10.03 15.12 19.50
CA THR C 52 -9.58 15.88 18.34
C THR C 52 -8.38 15.19 17.73
N VAL C 53 -8.48 14.89 16.46
CA VAL C 53 -7.39 14.35 15.65
C VAL C 53 -6.72 15.55 15.01
N ASN C 54 -5.43 15.71 15.20
CA ASN C 54 -4.66 16.74 14.54
C ASN C 54 -3.48 16.03 13.87
N ALA C 55 -3.31 16.20 12.57
CA ALA C 55 -2.34 15.38 11.82
C ALA C 55 -1.80 16.11 10.62
N SER C 56 -0.59 15.75 10.21
CA SER C 56 0.02 16.26 8.99
C SER C 56 0.92 15.18 8.43
N PHE C 57 1.18 15.26 7.13
CA PHE C 57 1.88 14.20 6.43
C PHE C 57 2.83 14.78 5.42
N VAL C 58 3.97 14.12 5.25
CA VAL C 58 4.98 14.54 4.29
C VAL C 58 5.47 13.29 3.55
N GLY C 59 5.29 13.27 2.24
CA GLY C 59 5.76 12.16 1.44
C GLY C 59 7.26 12.20 1.22
N GLU C 60 7.85 11.01 1.14
CA GLU C 60 9.25 10.85 0.84
C GLU C 60 9.41 9.84 -0.30
N GLY C 61 10.61 9.86 -0.87
CA GLY C 61 10.95 8.96 -1.94
C GLY C 61 9.98 9.06 -3.08
N GLY C 62 9.34 7.95 -3.42
CA GLY C 62 8.39 7.92 -4.53
C GLY C 62 7.08 8.65 -4.26
N TYR C 63 6.86 8.98 -3.00
CA TYR C 63 5.73 9.82 -2.60
C TYR C 63 6.11 11.26 -2.25
N ARG C 64 7.33 11.67 -2.52
CA ARG C 64 7.71 13.07 -2.29
C ARG C 64 6.82 14.00 -3.12
N ILE C 65 6.60 13.60 -4.37
CA ILE C 65 5.73 14.28 -5.32
C ILE C 65 4.64 13.31 -5.71
N VAL C 66 3.40 13.77 -5.69
CA VAL C 66 2.28 12.97 -6.14
C VAL C 66 1.70 13.55 -7.43
N SER C 67 1.35 12.63 -8.32
CA SER C 67 0.76 12.91 -9.61
C SER C 67 -0.76 12.90 -9.54
N PRO C 68 -1.42 13.59 -10.47
CA PRO C 68 -2.88 13.50 -10.57
C PRO C 68 -3.45 12.11 -10.82
N THR C 69 -2.62 11.18 -11.32
CA THR C 69 -3.04 9.81 -11.54
C THR C 69 -2.83 8.89 -10.33
N GLN C 70 -2.28 9.43 -9.25
CA GLN C 70 -2.02 8.65 -8.04
C GLN C 70 -3.27 7.93 -7.56
N SER C 71 -3.11 6.64 -7.28
CA SER C 71 -4.17 5.84 -6.67
C SER C 71 -4.40 6.31 -5.26
N GLN C 72 -5.67 6.39 -4.90
CA GLN C 72 -6.05 6.65 -3.51
C GLN C 72 -5.51 5.55 -2.60
N PHE C 73 -5.24 5.90 -1.35
CA PHE C 73 -4.65 4.95 -0.41
C PHE C 73 -5.03 5.33 1.00
N SER C 74 -5.12 4.32 1.85
CA SER C 74 -5.43 4.46 3.26
C SER C 74 -4.17 4.29 4.08
N LEU C 75 -4.07 5.03 5.16
CA LEU C 75 -3.10 4.75 6.24
C LEU C 75 -3.92 4.40 7.48
N ILE C 76 -3.90 3.13 7.85
CA ILE C 76 -4.76 2.60 8.90
C ILE C 76 -3.95 2.39 10.17
N MET C 77 -4.50 2.91 11.27
CA MET C 77 -4.04 2.65 12.62
C MET C 77 -5.02 1.66 13.27
N GLU C 78 -4.46 0.56 13.75
CA GLU C 78 -5.20 -0.52 14.39
C GLU C 78 -4.93 -0.49 15.88
N PHE C 79 -6.00 -0.46 16.68
CA PHE C 79 -5.83 -0.46 18.15
C PHE C 79 -6.55 -1.65 18.77
N ASP C 80 -5.98 -2.18 19.85
CA ASP C 80 -6.65 -3.25 20.58
C ASP C 80 -7.72 -2.68 21.52
N GLN C 81 -8.37 -3.57 22.27
CA GLN C 81 -9.47 -3.19 23.16
CA GLN C 81 -9.47 -3.17 23.12
C GLN C 81 -9.07 -2.23 24.29
N PHE C 82 -7.77 -2.11 24.55
CA PHE C 82 -7.26 -1.25 25.59
C PHE C 82 -6.73 0.08 25.06
N GLY C 83 -6.95 0.35 23.77
CA GLY C 83 -6.42 1.57 23.17
C GLY C 83 -4.93 1.54 22.86
N GLN C 84 -4.35 0.35 22.76
CA GLN C 84 -2.93 0.17 22.41
C GLN C 84 -2.75 -0.06 20.91
N LEU C 85 -1.90 0.76 20.29
CA LEU C 85 -1.56 0.63 18.88
C LEU C 85 -0.92 -0.70 18.58
N MET C 86 -1.45 -1.37 17.57
CA MET C 86 -0.99 -2.69 17.16
C MET C 86 0.11 -2.60 16.11
N SER C 87 0.80 -3.72 15.88
CA SER C 87 1.93 -3.75 14.92
C SER C 87 1.50 -3.87 13.48
N THR C 88 0.21 -4.13 13.25
CA THR C 88 -0.27 -4.58 11.93
C THR C 88 -0.81 -3.52 10.95
N GLY C 89 -1.03 -2.30 11.41
CA GLY C 89 -1.49 -1.25 10.51
C GLY C 89 -0.39 -0.64 9.68
N ASN C 90 -0.78 0.37 8.91
CA ASN C 90 0.17 1.12 8.05
C ASN C 90 0.92 2.15 8.87
N ILE C 91 0.32 2.55 9.99
CA ILE C 91 1.01 3.34 11.02
C ILE C 91 0.90 2.46 12.25
N ASN C 92 2.02 2.07 12.84
CA ASN C 92 2.00 0.98 13.79
C ASN C 92 3.02 1.13 14.91
N SER C 93 3.00 0.16 15.83
CA SER C 93 3.84 0.20 17.01
C SER C 93 5.32 -0.05 16.82
N THR C 94 5.77 -0.27 15.59
CA THR C 94 7.21 -0.28 15.31
C THR C 94 7.90 1.10 15.34
N THR C 95 7.11 2.17 15.23
CA THR C 95 7.63 3.52 15.32
C THR C 95 7.00 4.22 16.53
N THR C 96 7.52 5.38 16.88
CA THR C 96 7.17 5.95 18.17
C THR C 96 5.71 6.36 18.28
N TRP C 97 5.12 6.04 19.42
CA TRP C 97 3.75 6.30 19.71
C TRP C 97 3.52 6.17 21.18
N GLY C 98 2.84 7.14 21.77
CA GLY C 98 2.56 7.08 23.20
C GLY C 98 1.98 8.38 23.70
N GLU C 99 1.93 8.50 25.01
CA GLU C 99 1.29 9.64 25.63
C GLU C 99 2.17 10.88 25.61
N LYS C 100 1.55 12.04 25.38
CA LYS C 100 2.22 13.32 25.58
C LYS C 100 1.96 13.82 26.99
N PRO C 101 3.01 13.90 27.83
CA PRO C 101 2.79 14.53 29.13
C PRO C 101 2.53 16.02 29.02
N TRP C 102 1.62 16.53 29.83
CA TRP C 102 1.42 17.97 29.86
C TRP C 102 2.74 18.63 30.24
N GLY C 103 3.16 19.64 29.50
CA GLY C 103 4.37 20.36 29.88
C GLY C 103 5.66 19.94 29.18
N ASN C 104 5.62 18.86 28.41
CA ASN C 104 6.81 18.55 27.61
C ASN C 104 6.44 17.87 26.30
N ASN C 105 7.43 17.70 25.42
CA ASN C 105 7.21 17.16 24.09
C ASN C 105 7.69 15.72 23.94
N THR C 106 7.73 14.98 25.04
CA THR C 106 8.16 13.59 24.98
C THR C 106 7.00 12.69 24.54
N VAL C 107 7.36 11.45 24.23
CA VAL C 107 6.43 10.39 23.88
C VAL C 107 6.64 9.33 24.95
N GLN C 108 5.63 9.12 25.80
CA GLN C 108 5.69 8.19 26.89
C GLN C 108 5.01 6.90 26.38
N PRO C 109 5.81 5.89 26.02
CA PRO C 109 5.27 4.74 25.27
C PRO C 109 4.63 3.61 26.09
N ARG C 110 4.61 3.73 27.42
CA ARG C 110 4.04 2.73 28.29
C ARG C 110 2.51 2.93 28.43
N PRO C 111 1.71 2.03 27.84
CA PRO C 111 0.25 2.28 27.90
C PRO C 111 -0.37 2.40 29.28
N SER C 112 -1.37 3.27 29.38
CA SER C 112 -2.17 3.43 30.56
C SER C 112 -3.59 2.99 30.28
N HIS C 113 -4.33 2.71 31.34
CA HIS C 113 -5.76 2.46 31.23
C HIS C 113 -6.45 3.64 30.56
N THR C 114 -5.92 4.82 30.79
CA THR C 114 -6.50 6.04 30.23
C THR C 114 -6.44 6.11 28.71
N TRP C 115 -5.57 5.31 28.07
CA TRP C 115 -5.41 5.41 26.62
C TRP C 115 -6.69 5.03 25.87
N LYS C 116 -7.50 4.19 26.46
CA LYS C 116 -8.80 3.85 25.88
C LYS C 116 -9.67 5.10 25.60
N LEU C 117 -9.48 6.15 26.39
CA LEU C 117 -10.27 7.38 26.26
C LEU C 117 -10.06 8.11 24.94
N CYS C 118 -8.94 7.81 24.29
CA CYS C 118 -8.67 8.39 22.97
C CYS C 118 -9.27 7.60 21.82
N MET C 119 -9.86 6.44 22.10
CA MET C 119 -10.42 5.58 21.06
C MET C 119 -11.81 6.05 20.64
N PRO C 120 -12.19 5.76 19.40
CA PRO C 120 -13.55 6.07 18.95
C PRO C 120 -14.62 5.18 19.58
N ASN C 121 -15.52 5.82 20.33
CA ASN C 121 -16.59 5.18 21.12
C ASN C 121 -17.26 4.08 20.33
N ARG C 122 -17.18 2.84 20.81
CA ARG C 122 -17.60 1.69 20.01
C ARG C 122 -19.12 1.62 19.84
N GLU C 123 -19.85 2.18 20.80
CA GLU C 123 -21.29 2.15 20.72
C GLU C 123 -21.77 3.24 19.76
N VAL C 124 -21.18 4.42 19.85
CA VAL C 124 -21.52 5.50 18.93
C VAL C 124 -21.11 5.12 17.50
N TYR C 125 -19.97 4.49 17.37
CA TYR C 125 -19.39 4.09 16.06
C TYR C 125 -19.39 2.57 15.99
N SER C 126 -20.58 1.99 16.10
CA SER C 126 -20.79 0.55 16.02
C SER C 126 -20.80 0.08 14.58
N THR C 127 -20.99 1.02 13.67
CA THR C 127 -20.72 0.83 12.27
C THR C 127 -19.80 1.96 11.84
N PRO C 128 -19.03 1.75 10.76
CA PRO C 128 -18.03 2.76 10.38
C PRO C 128 -18.63 4.12 10.04
N ALA C 129 -17.90 5.16 10.47
CA ALA C 129 -18.26 6.56 10.25
C ALA C 129 -17.13 7.20 9.50
N ALA C 130 -17.38 8.33 8.88
CA ALA C 130 -16.36 9.00 8.06
C ALA C 130 -16.54 10.50 8.07
N THR C 131 -15.45 11.21 7.79
CA THR C 131 -15.47 12.65 7.54
C THR C 131 -14.50 12.92 6.41
N ILE C 132 -15.00 13.36 5.27
CA ILE C 132 -14.14 13.72 4.14
C ILE C 132 -13.95 15.21 4.13
N SER C 133 -12.68 15.62 4.12
CA SER C 133 -12.38 17.02 4.15
C SER C 133 -11.26 17.35 3.16
N ARG C 134 -11.18 18.61 2.85
CA ARG C 134 -10.11 19.11 2.00
C ARG C 134 -8.74 18.82 2.62
N CYS C 135 -7.77 18.57 1.75
CA CYS C 135 -6.41 18.36 2.16
C CYS C 135 -5.47 19.13 1.21
N GLY C 136 -5.20 20.39 1.56
CA GLY C 136 -4.30 21.21 0.74
C GLY C 136 -2.91 20.61 0.75
N LEU C 137 -2.27 20.60 -0.40
CA LEU C 137 -0.90 20.17 -0.57
C LEU C 137 -0.02 21.36 -0.90
N ASP C 138 1.13 21.41 -0.24
CA ASP C 138 2.17 22.43 -0.51
C ASP C 138 1.61 23.85 -0.49
N SER C 139 0.71 24.09 0.45
CA SER C 139 -0.17 25.24 0.37
C SER C 139 0.53 26.58 0.39
N ILE C 140 1.55 26.72 1.22
CA ILE C 140 2.29 28.00 1.29
C ILE C 140 3.00 28.28 -0.03
N ALA C 141 3.75 27.29 -0.51
CA ALA C 141 4.55 27.41 -1.74
C ALA C 141 3.71 27.61 -3.00
N VAL C 142 2.50 27.06 -3.03
CA VAL C 142 1.63 27.22 -4.18
C VAL C 142 0.57 28.28 -3.94
N ASP C 143 0.66 28.96 -2.79
CA ASP C 143 -0.30 29.96 -2.38
C ASP C 143 -1.74 29.49 -2.51
N GLY C 144 -1.99 28.28 -2.03
CA GLY C 144 -3.34 27.77 -1.85
C GLY C 144 -4.16 27.64 -3.13
N ALA C 145 -3.47 27.49 -4.26
CA ALA C 145 -4.14 27.31 -5.55
C ALA C 145 -5.22 26.23 -5.42
N PRO C 146 -6.45 26.53 -5.87
CA PRO C 146 -7.53 25.53 -5.74
C PRO C 146 -7.19 24.12 -6.25
N SER C 147 -6.46 24.02 -7.36
CA SER C 147 -6.13 22.73 -7.97
C SER C 147 -4.88 22.08 -7.37
N ARG C 148 -4.52 22.51 -6.15
CA ARG C 148 -3.43 21.87 -5.40
C ARG C 148 -3.92 21.21 -4.11
N SER C 149 -5.23 20.97 -4.04
CA SER C 149 -5.83 20.24 -2.94
C SER C 149 -6.31 18.86 -3.38
N ILE C 150 -6.12 17.89 -2.52
CA ILE C 150 -6.79 16.60 -2.64
C ILE C 150 -7.79 16.54 -1.50
N ASP C 151 -8.34 15.35 -1.23
CA ASP C 151 -9.16 15.12 -0.02
C ASP C 151 -8.48 14.13 0.91
N CYS C 152 -8.73 14.25 2.20
CA CYS C 152 -8.42 13.21 3.18
C CYS C 152 -9.67 12.90 3.97
N MET C 153 -10.06 11.64 3.92
CA MET C 153 -11.21 11.14 4.62
C MET C 153 -10.72 10.35 5.82
N LEU C 154 -11.11 10.80 7.00
CA LEU C 154 -10.98 9.96 8.19
C LEU C 154 -12.09 8.91 8.21
N ILE C 155 -11.72 7.65 8.35
CA ILE C 155 -12.71 6.59 8.54
C ILE C 155 -12.52 6.05 9.94
N ILE C 156 -13.65 5.89 10.65
CA ILE C 156 -13.65 5.51 12.03
C ILE C 156 -14.22 4.12 12.16
N ASN C 157 -13.40 3.19 12.65
CA ASN C 157 -13.83 1.83 13.00
C ASN C 157 -14.31 1.01 11.79
N LYS C 158 -13.68 1.24 10.63
CA LYS C 158 -13.77 0.26 9.55
C LYS C 158 -12.98 -0.97 9.97
N PRO C 159 -13.63 -2.16 9.94
CA PRO C 159 -12.97 -3.35 10.43
C PRO C 159 -11.64 -3.64 9.74
N LYS C 160 -10.67 -4.10 10.52
CA LYS C 160 -9.43 -4.64 9.96
C LYS C 160 -8.89 -5.68 10.91
N GLY C 161 -8.65 -6.88 10.39
CA GLY C 161 -8.17 -8.00 11.18
C GLY C 161 -8.91 -8.15 12.49
N VAL C 162 -8.15 -8.13 13.58
CA VAL C 162 -8.67 -8.35 14.93
C VAL C 162 -8.70 -7.05 15.74
N ALA C 163 -8.45 -5.91 15.10
CA ALA C 163 -8.49 -4.62 15.80
C ALA C 163 -9.84 -4.34 16.41
N THR C 164 -9.86 -3.77 17.60
CA THR C 164 -11.11 -3.33 18.24
C THR C 164 -11.49 -1.95 17.74
N TYR C 165 -10.48 -1.10 17.52
CA TYR C 165 -10.68 0.25 16.99
C TYR C 165 -9.77 0.52 15.81
N THR C 166 -10.26 1.27 14.83
CA THR C 166 -9.38 1.67 13.76
C THR C 166 -9.60 3.14 13.43
N LEU C 167 -8.51 3.80 13.06
CA LEU C 167 -8.56 5.13 12.51
C LEU C 167 -7.84 5.09 11.19
N THR C 168 -8.52 5.53 10.12
CA THR C 168 -7.95 5.46 8.77
C THR C 168 -7.86 6.85 8.15
N PHE C 169 -6.67 7.24 7.70
CA PHE C 169 -6.52 8.46 6.89
C PHE C 169 -6.51 8.01 5.44
N ARG C 170 -7.57 8.29 4.70
CA ARG C 170 -7.66 7.90 3.32
C ARG C 170 -7.54 9.11 2.39
N PHE C 171 -6.45 9.14 1.63
CA PHE C 171 -6.13 10.20 0.73
C PHE C 171 -6.72 9.86 -0.63
N LEU C 172 -7.51 10.81 -1.14
CA LEU C 172 -8.44 10.55 -2.24
C LEU C 172 -8.44 11.71 -3.23
N ASN C 173 -8.92 11.43 -4.44
CA ASN C 173 -9.17 12.49 -5.43
C ASN C 173 -7.91 13.26 -5.85
N PHE C 174 -6.84 12.51 -6.08
CA PHE C 174 -5.60 13.08 -6.62
C PHE C 174 -5.83 13.68 -8.01
N ASN C 175 -6.84 13.16 -8.71
CA ASN C 175 -7.17 13.70 -10.03
C ASN C 175 -7.69 15.13 -10.01
N ARG C 176 -7.96 15.67 -8.82
CA ARG C 176 -8.24 17.11 -8.69
C ARG C 176 -7.00 17.99 -8.96
N LEU C 177 -5.81 17.40 -8.82
CA LEU C 177 -4.55 18.14 -8.93
C LEU C 177 -4.27 18.53 -10.37
N SER C 178 -3.77 19.74 -10.55
CA SER C 178 -3.46 20.21 -11.90
C SER C 178 -2.20 19.59 -12.46
N GLY C 179 -1.36 19.03 -11.60
CA GLY C 179 -0.14 18.40 -12.01
C GLY C 179 0.60 17.90 -10.77
N GLY C 180 1.81 17.40 -10.98
CA GLY C 180 2.67 16.93 -9.90
C GLY C 180 2.76 17.93 -8.78
N THR C 181 2.56 17.48 -7.53
CA THR C 181 2.51 18.36 -6.38
C THR C 181 3.27 17.72 -5.22
N LEU C 182 4.06 18.53 -4.53
CA LEU C 182 4.75 18.06 -3.33
C LEU C 182 3.70 17.56 -2.33
N PHE C 183 3.86 16.32 -1.84
CA PHE C 183 2.91 15.73 -0.87
C PHE C 183 3.25 16.18 0.54
N LYS C 184 3.00 17.47 0.76
CA LYS C 184 3.25 18.12 2.03
C LYS C 184 1.89 18.65 2.47
N THR C 185 1.20 17.89 3.31
CA THR C 185 -0.18 18.24 3.61
C THR C 185 -0.29 19.39 4.56
N ASP C 186 -1.47 20.00 4.52
CA ASP C 186 -1.87 20.91 5.55
C ASP C 186 -1.97 20.17 6.89
N VAL C 187 -2.12 20.95 7.95
CA VAL C 187 -2.52 20.42 9.24
C VAL C 187 -4.01 20.10 9.10
N LEU C 188 -4.36 18.85 9.36
CA LEU C 188 -5.70 18.39 9.20
C LEU C 188 -6.29 18.16 10.60
N THR C 189 -7.59 18.40 10.75
CA THR C 189 -8.30 18.22 12.00
C THR C 189 -9.60 17.45 11.78
N PHE C 190 -9.86 16.48 12.66
CA PHE C 190 -11.12 15.75 12.71
C PHE C 190 -11.53 15.59 14.17
N THR C 191 -12.79 15.24 14.38
CA THR C 191 -13.35 15.09 15.70
C THR C 191 -14.28 13.89 15.81
N TYR C 192 -14.21 13.17 16.92
CA TYR C 192 -15.16 12.09 17.17
C TYR C 192 -15.41 11.95 18.66
N VAL C 193 -16.47 11.21 19.01
CA VAL C 193 -16.78 10.98 20.43
C VAL C 193 -15.83 9.91 21.01
N GLY C 194 -15.18 10.25 22.13
CA GLY C 194 -14.27 9.34 22.79
C GLY C 194 -14.96 8.20 23.49
N GLU C 195 -14.23 7.09 23.58
CA GLU C 195 -14.66 5.92 24.29
C GLU C 195 -14.71 6.17 25.79
N ASN C 196 -15.53 5.40 26.48
CA ASN C 196 -15.65 5.55 27.92
C ASN C 196 -14.64 4.66 28.61
N GLN C 197 -14.17 5.10 29.77
CA GLN C 197 -13.21 4.32 30.54
C GLN C 197 -13.73 2.91 30.83
N ALA D 16 -2.03 -38.25 -15.84
CA ALA D 16 -0.62 -38.68 -15.93
C ALA D 16 0.31 -37.60 -16.50
N PRO D 17 1.61 -37.73 -16.18
CA PRO D 17 2.60 -36.84 -16.75
C PRO D 17 2.86 -37.23 -18.20
N ILE D 18 3.39 -36.28 -18.96
CA ILE D 18 3.78 -36.54 -20.34
C ILE D 18 4.86 -35.57 -20.77
N THR D 19 5.85 -36.10 -21.50
CA THR D 19 6.93 -35.28 -22.07
C THR D 19 6.92 -35.42 -23.60
N LEU D 20 6.97 -34.26 -24.27
CA LEU D 20 7.23 -34.16 -25.72
C LEU D 20 8.60 -33.52 -25.90
N TRP D 21 9.40 -34.04 -26.82
CA TRP D 21 10.76 -33.50 -26.98
C TRP D 21 11.34 -33.83 -28.34
N THR D 22 12.47 -33.18 -28.64
CA THR D 22 13.22 -33.40 -29.85
C THR D 22 14.12 -34.63 -29.74
N GLY D 23 14.30 -35.17 -28.53
CA GLY D 23 15.29 -36.21 -28.28
C GLY D 23 16.66 -35.57 -28.12
N PRO D 24 17.64 -36.36 -27.67
CA PRO D 24 19.00 -35.87 -27.53
C PRO D 24 19.63 -35.65 -28.90
N GLY D 25 20.72 -34.88 -28.96
CA GLY D 25 21.46 -34.69 -30.23
C GLY D 25 20.59 -34.29 -31.42
N PRO D 26 19.80 -33.21 -31.27
CA PRO D 26 18.95 -32.82 -32.38
C PRO D 26 19.71 -32.47 -33.66
N SER D 27 19.06 -32.66 -34.80
CA SER D 27 19.56 -32.13 -36.06
C SER D 27 19.47 -30.62 -36.07
N ILE D 28 19.94 -30.02 -37.16
CA ILE D 28 19.81 -28.60 -37.36
C ILE D 28 18.33 -28.37 -37.75
N ASN D 29 17.53 -28.07 -36.73
CA ASN D 29 16.07 -28.11 -36.81
C ASN D 29 15.35 -26.79 -36.54
N GLY D 30 16.13 -25.72 -36.45
CA GLY D 30 15.60 -24.37 -36.29
C GLY D 30 15.87 -23.63 -37.58
N PHE D 31 14.79 -23.27 -38.25
CA PHE D 31 14.85 -22.68 -39.58
C PHE D 31 14.63 -21.19 -39.51
N ILE D 32 15.48 -20.43 -40.20
CA ILE D 32 15.31 -18.99 -40.36
C ILE D 32 15.45 -18.71 -41.86
N ASN D 33 14.47 -18.01 -42.43
CA ASN D 33 14.42 -17.80 -43.88
C ASN D 33 14.53 -19.14 -44.61
N ASP D 34 13.73 -20.10 -44.14
CA ASP D 34 13.66 -21.43 -44.72
C ASP D 34 15.02 -22.16 -44.81
N THR D 35 15.98 -21.74 -43.99
CA THR D 35 17.32 -22.34 -43.97
C THR D 35 17.59 -22.90 -42.56
N PRO D 36 18.05 -24.16 -42.46
CA PRO D 36 18.33 -24.75 -41.14
C PRO D 36 19.60 -24.16 -40.54
N VAL D 37 19.48 -23.42 -39.44
CA VAL D 37 20.64 -22.70 -38.89
C VAL D 37 20.92 -22.91 -37.39
N ILE D 38 19.98 -23.48 -36.65
CA ILE D 38 20.18 -23.70 -35.22
CA ILE D 38 20.11 -23.68 -35.20
C ILE D 38 19.76 -25.10 -34.84
N ARG D 39 20.59 -25.74 -34.01
CA ARG D 39 20.23 -27.01 -33.37
C ARG D 39 19.50 -26.70 -32.09
N CYS D 40 18.22 -27.06 -32.06
CA CYS D 40 17.36 -26.82 -30.91
C CYS D 40 17.03 -28.10 -30.13
N PHE D 41 17.50 -28.18 -28.90
CA PHE D 41 17.01 -29.19 -27.98
C PHE D 41 15.84 -28.58 -27.21
N ILE D 42 14.66 -29.20 -27.35
CA ILE D 42 13.47 -28.70 -26.69
C ILE D 42 12.75 -29.85 -26.03
N CYS D 43 12.39 -29.65 -24.76
CA CYS D 43 11.64 -30.64 -23.99
C CYS D 43 10.49 -29.91 -23.29
N LEU D 44 9.26 -30.42 -23.47
CA LEU D 44 8.09 -29.91 -22.77
C LEU D 44 7.66 -31.02 -21.85
N THR D 45 7.79 -30.84 -20.53
CA THR D 45 7.37 -31.85 -19.57
C THR D 45 6.19 -31.35 -18.76
N ARG D 46 5.06 -32.04 -18.91
CA ARG D 46 3.87 -31.80 -18.12
C ARG D 46 3.89 -32.73 -16.92
N ASP D 47 3.78 -32.15 -15.73
CA ASP D 47 3.58 -32.90 -14.52
C ASP D 47 2.12 -32.69 -14.12
N SER D 48 1.79 -32.50 -12.86
CA SER D 48 0.39 -32.50 -12.47
C SER D 48 -0.42 -31.37 -13.12
N ASN D 49 0.16 -30.17 -13.18
CA ASN D 49 -0.56 -28.98 -13.61
C ASN D 49 0.24 -28.09 -14.56
N LEU D 50 1.51 -27.90 -14.25
CA LEU D 50 2.38 -27.03 -15.01
C LEU D 50 3.18 -27.80 -16.01
N VAL D 51 3.52 -27.09 -17.08
CA VAL D 51 4.47 -27.57 -18.07
C VAL D 51 5.79 -26.82 -17.87
N THR D 52 6.88 -27.57 -17.86
CA THR D 52 8.21 -26.98 -17.83
C THR D 52 8.79 -27.10 -19.21
N VAL D 53 9.27 -25.97 -19.74
CA VAL D 53 10.02 -25.93 -20.98
C VAL D 53 11.49 -25.99 -20.57
N ASN D 54 12.21 -26.98 -21.09
CA ASN D 54 13.65 -27.07 -20.87
C ASN D 54 14.29 -27.10 -22.26
N ALA D 55 15.14 -26.13 -22.55
CA ALA D 55 15.63 -25.92 -23.93
C ALA D 55 17.06 -25.42 -23.97
N SER D 56 17.76 -25.78 -25.02
CA SER D 56 19.06 -25.22 -25.28
C SER D 56 19.27 -25.19 -26.80
N PHE D 57 20.17 -24.30 -27.23
CA PHE D 57 20.32 -24.01 -28.66
C PHE D 57 21.79 -23.87 -29.00
N VAL D 58 22.16 -24.34 -30.20
CA VAL D 58 23.51 -24.21 -30.71
C VAL D 58 23.41 -23.70 -32.16
N GLY D 59 23.96 -22.53 -32.43
CA GLY D 59 23.98 -21.99 -33.78
C GLY D 59 24.97 -22.69 -34.69
N GLU D 60 24.63 -22.75 -35.98
CA GLU D 60 25.45 -23.39 -36.99
C GLU D 60 25.72 -22.37 -38.10
N GLY D 61 26.79 -22.58 -38.86
CA GLY D 61 27.02 -21.77 -40.04
C GLY D 61 27.16 -20.30 -39.70
N GLY D 62 26.35 -19.45 -40.33
CA GLY D 62 26.40 -18.02 -40.05
C GLY D 62 25.87 -17.63 -38.68
N TYR D 63 25.26 -18.59 -37.98
CA TYR D 63 24.76 -18.38 -36.63
C TYR D 63 25.63 -19.02 -35.57
N ARG D 64 26.76 -19.62 -35.97
CA ARG D 64 27.70 -20.18 -34.98
C ARG D 64 28.20 -19.13 -34.00
N ILE D 65 28.61 -17.99 -34.54
CA ILE D 65 29.04 -16.82 -33.76
C ILE D 65 27.98 -15.75 -33.90
N VAL D 66 27.57 -15.19 -32.75
CA VAL D 66 26.74 -14.00 -32.73
C VAL D 66 27.53 -12.85 -32.08
N SER D 67 27.18 -11.63 -32.46
CA SER D 67 27.94 -10.46 -32.05
C SER D 67 26.97 -9.33 -31.82
N PRO D 68 27.46 -8.18 -31.31
CA PRO D 68 26.59 -7.05 -31.05
C PRO D 68 25.84 -6.47 -32.23
N THR D 69 26.24 -6.81 -33.45
CA THR D 69 25.53 -6.39 -34.65
C THR D 69 24.41 -7.36 -35.06
N GLN D 70 24.24 -8.47 -34.32
CA GLN D 70 23.24 -9.48 -34.69
C GLN D 70 21.83 -8.97 -34.47
N SER D 71 20.96 -9.18 -35.47
CA SER D 71 19.57 -8.83 -35.37
C SER D 71 18.82 -9.90 -34.60
N GLN D 72 17.81 -9.46 -33.87
CA GLN D 72 16.96 -10.36 -33.12
C GLN D 72 16.23 -11.31 -34.09
N PHE D 73 15.85 -12.45 -33.57
CA PHE D 73 15.09 -13.42 -34.35
C PHE D 73 14.26 -14.31 -33.46
N SER D 74 13.21 -14.87 -34.05
CA SER D 74 12.24 -15.72 -33.36
C SER D 74 12.19 -17.10 -34.02
N LEU D 75 12.02 -18.13 -33.18
CA LEU D 75 11.74 -19.49 -33.62
C LEU D 75 10.39 -19.86 -33.05
N ILE D 76 9.38 -19.99 -33.91
CA ILE D 76 8.03 -20.33 -33.46
CA ILE D 76 8.00 -20.31 -33.53
C ILE D 76 7.72 -21.80 -33.70
N MET D 77 7.09 -22.40 -32.68
CA MET D 77 6.51 -23.74 -32.73
C MET D 77 5.02 -23.53 -32.80
N GLU D 78 4.34 -24.17 -33.78
CA GLU D 78 2.88 -24.10 -33.93
C GLU D 78 2.31 -25.48 -33.65
N PHE D 79 1.27 -25.52 -32.85
CA PHE D 79 0.57 -26.76 -32.49
C PHE D 79 -0.90 -26.63 -32.80
N ASP D 80 -1.49 -27.76 -33.21
CA ASP D 80 -2.92 -27.80 -33.48
C ASP D 80 -3.74 -28.00 -32.20
N GLN D 81 -5.04 -28.17 -32.33
CA GLN D 81 -5.91 -28.26 -31.16
C GLN D 81 -5.69 -29.52 -30.32
N PHE D 82 -4.96 -30.48 -30.87
CA PHE D 82 -4.66 -31.73 -30.18
C PHE D 82 -3.25 -31.76 -29.58
N GLY D 83 -2.54 -30.65 -29.70
CA GLY D 83 -1.16 -30.56 -29.21
C GLY D 83 -0.17 -31.22 -30.15
N GLN D 84 -0.53 -31.34 -31.43
CA GLN D 84 0.40 -31.86 -32.43
C GLN D 84 1.18 -30.74 -33.11
N LEU D 85 2.48 -30.93 -33.20
CA LEU D 85 3.36 -29.94 -33.80
C LEU D 85 3.09 -29.87 -35.30
N MET D 86 2.96 -28.67 -35.80
CA MET D 86 2.61 -28.39 -37.20
C MET D 86 3.87 -28.18 -38.01
N SER D 87 3.72 -28.27 -39.33
CA SER D 87 4.84 -28.20 -40.26
C SER D 87 5.31 -26.78 -40.58
N THR D 88 4.59 -25.75 -40.13
CA THR D 88 4.74 -24.40 -40.67
C THR D 88 5.55 -23.40 -39.80
N GLY D 89 5.96 -23.79 -38.59
CA GLY D 89 6.80 -22.93 -37.77
C GLY D 89 8.27 -23.01 -38.10
N ASN D 90 9.08 -22.26 -37.36
CA ASN D 90 10.53 -22.34 -37.49
C ASN D 90 11.11 -23.62 -36.91
N ILE D 91 10.41 -24.17 -35.92
CA ILE D 91 10.70 -25.49 -35.37
C ILE D 91 9.43 -26.26 -35.61
N ASN D 92 9.51 -27.37 -36.31
CA ASN D 92 8.32 -27.91 -36.92
C ASN D 92 8.39 -29.41 -37.06
N SER D 93 7.27 -29.94 -37.54
CA SER D 93 7.06 -31.37 -37.58
C SER D 93 7.87 -32.09 -38.64
N THR D 94 8.63 -31.35 -39.44
CA THR D 94 9.52 -31.99 -40.41
C THR D 94 10.82 -32.52 -39.83
N THR D 95 11.10 -32.23 -38.55
CA THR D 95 12.24 -32.82 -37.87
C THR D 95 11.77 -33.63 -36.64
N THR D 96 12.69 -34.34 -36.01
CA THR D 96 12.35 -35.28 -34.89
C THR D 96 11.60 -34.62 -33.76
N TRP D 97 10.42 -35.16 -33.44
CA TRP D 97 9.55 -34.59 -32.43
C TRP D 97 8.51 -35.61 -31.99
N GLY D 98 8.37 -35.79 -30.68
CA GLY D 98 7.36 -36.69 -30.14
C GLY D 98 7.54 -36.99 -28.67
N GLU D 99 6.85 -38.01 -28.21
CA GLU D 99 6.79 -38.33 -26.80
C GLU D 99 8.03 -39.06 -26.30
N LYS D 100 8.50 -38.69 -25.10
CA LYS D 100 9.60 -39.41 -24.47
C LYS D 100 9.00 -40.42 -23.53
N PRO D 101 9.23 -41.70 -23.79
CA PRO D 101 8.80 -42.70 -22.80
C PRO D 101 9.58 -42.61 -21.48
N TRP D 102 8.89 -42.80 -20.37
CA TRP D 102 9.63 -42.91 -19.11
C TRP D 102 10.61 -44.10 -19.24
N GLY D 103 11.87 -43.90 -18.92
CA GLY D 103 12.83 -45.00 -18.90
C GLY D 103 13.76 -45.14 -20.10
N ASN D 104 13.54 -44.37 -21.16
CA ASN D 104 14.49 -44.33 -22.26
C ASN D 104 14.50 -42.98 -22.97
N ASN D 105 15.43 -42.83 -23.91
CA ASN D 105 15.64 -41.57 -24.63
C ASN D 105 15.11 -41.58 -26.05
N THR D 106 14.16 -42.46 -26.34
CA THR D 106 13.56 -42.47 -27.67
C THR D 106 12.57 -41.31 -27.87
N VAL D 107 12.11 -41.15 -29.12
CA VAL D 107 11.11 -40.18 -29.50
C VAL D 107 9.97 -40.94 -30.23
N GLN D 108 8.83 -41.00 -29.59
CA GLN D 108 7.69 -41.73 -30.11
C GLN D 108 6.78 -40.79 -30.89
N PRO D 109 6.68 -40.97 -32.22
CA PRO D 109 6.01 -40.00 -33.07
C PRO D 109 4.48 -40.07 -33.13
N ARG D 110 3.88 -41.16 -32.67
CA ARG D 110 2.43 -41.35 -32.88
C ARG D 110 1.60 -40.64 -31.79
N PRO D 111 0.77 -39.66 -32.18
CA PRO D 111 0.04 -38.81 -31.26
C PRO D 111 -0.93 -39.52 -30.35
N SER D 112 -1.05 -38.99 -29.12
CA SER D 112 -2.00 -39.45 -28.13
C SER D 112 -2.86 -38.27 -27.71
N HIS D 113 -4.01 -38.59 -27.12
CA HIS D 113 -4.88 -37.58 -26.52
C HIS D 113 -4.12 -36.77 -25.47
N THR D 114 -3.17 -37.44 -24.80
CA THR D 114 -2.38 -36.84 -23.73
C THR D 114 -1.50 -35.68 -24.17
N TRP D 115 -1.21 -35.57 -25.47
CA TRP D 115 -0.28 -34.52 -25.91
C TRP D 115 -0.84 -33.10 -25.70
N LYS D 116 -2.15 -32.97 -25.66
CA LYS D 116 -2.79 -31.68 -25.38
C LYS D 116 -2.34 -31.14 -24.01
N LEU D 117 -1.99 -32.03 -23.10
CA LEU D 117 -1.60 -31.65 -21.74
C LEU D 117 -0.29 -30.86 -21.67
N CYS D 118 0.52 -30.93 -22.72
CA CYS D 118 1.75 -30.15 -22.82
C CYS D 118 1.53 -28.75 -23.37
N MET D 119 0.31 -28.48 -23.81
CA MET D 119 -0.03 -27.18 -24.40
C MET D 119 -0.31 -26.09 -23.39
N PRO D 120 -0.06 -24.81 -23.75
CA PRO D 120 -0.38 -23.68 -22.89
C PRO D 120 -1.90 -23.40 -22.79
N ASN D 121 -2.44 -23.56 -21.60
CA ASN D 121 -3.85 -23.47 -21.30
C ASN D 121 -4.46 -22.20 -21.95
N ARG D 122 -5.46 -22.39 -22.83
CA ARG D 122 -6.04 -21.24 -23.57
C ARG D 122 -6.93 -20.29 -22.77
N GLU D 123 -7.46 -20.73 -21.62
CA GLU D 123 -8.14 -19.79 -20.71
C GLU D 123 -7.19 -18.89 -19.97
N VAL D 124 -6.09 -19.49 -19.49
CA VAL D 124 -5.09 -18.75 -18.78
C VAL D 124 -4.36 -17.86 -19.76
N TYR D 125 -4.02 -18.38 -20.93
CA TYR D 125 -3.26 -17.62 -21.94
C TYR D 125 -4.18 -17.29 -23.11
N SER D 126 -5.20 -16.50 -22.79
CA SER D 126 -6.22 -16.15 -23.75
C SER D 126 -5.76 -14.95 -24.56
N THR D 127 -4.74 -14.26 -24.05
CA THR D 127 -3.96 -13.30 -24.83
C THR D 127 -2.47 -13.66 -24.68
N PRO D 128 -1.62 -13.18 -25.61
CA PRO D 128 -0.22 -13.60 -25.56
C PRO D 128 0.47 -13.25 -24.26
N ALA D 129 1.21 -14.20 -23.71
CA ALA D 129 1.99 -14.01 -22.48
C ALA D 129 3.47 -14.14 -22.80
N ALA D 130 4.34 -13.65 -21.92
CA ALA D 130 5.76 -13.72 -22.16
C ALA D 130 6.57 -13.87 -20.88
N THR D 131 7.75 -14.44 -21.03
CA THR D 131 8.74 -14.43 -19.97
C THR D 131 10.08 -14.13 -20.63
N ILE D 132 10.65 -12.97 -20.34
CA ILE D 132 12.01 -12.63 -20.82
C ILE D 132 13.04 -12.94 -19.73
N SER D 133 14.05 -13.71 -20.10
CA SER D 133 15.07 -14.15 -19.18
C SER D 133 16.46 -14.06 -19.79
N ARG D 134 17.45 -13.95 -18.92
CA ARG D 134 18.83 -14.02 -19.32
C ARG D 134 19.10 -15.32 -20.08
N CYS D 135 19.98 -15.23 -21.05
CA CYS D 135 20.38 -16.38 -21.84
C CYS D 135 21.91 -16.31 -21.97
N GLY D 136 22.60 -16.95 -21.03
CA GLY D 136 24.05 -17.05 -21.10
C GLY D 136 24.49 -17.75 -22.37
N LEU D 137 25.56 -17.22 -22.97
CA LEU D 137 26.19 -17.86 -24.13
C LEU D 137 27.57 -18.37 -23.79
N ASP D 138 27.86 -19.60 -24.20
CA ASP D 138 29.20 -20.20 -24.07
C ASP D 138 29.71 -20.07 -22.64
N SER D 139 28.79 -20.23 -21.69
CA SER D 139 29.04 -19.82 -20.33
C SER D 139 30.18 -20.54 -19.62
N ILE D 140 30.36 -21.84 -19.87
CA ILE D 140 31.46 -22.56 -19.24
C ILE D 140 32.79 -21.98 -19.75
N ALA D 141 32.90 -21.87 -21.08
CA ALA D 141 34.16 -21.40 -21.72
C ALA D 141 34.55 -19.97 -21.36
N VAL D 142 33.56 -19.07 -21.34
CA VAL D 142 33.80 -17.67 -21.04
C VAL D 142 33.65 -17.37 -19.53
N ASP D 143 33.49 -18.43 -18.74
CA ASP D 143 33.32 -18.35 -17.30
C ASP D 143 32.24 -17.35 -16.84
N GLY D 144 31.11 -17.36 -17.55
CA GLY D 144 29.96 -16.55 -17.17
C GLY D 144 30.19 -15.05 -17.14
N ALA D 145 31.12 -14.56 -17.96
CA ALA D 145 31.39 -13.12 -18.02
C ALA D 145 30.05 -12.39 -18.23
N PRO D 146 29.79 -11.33 -17.45
CA PRO D 146 28.50 -10.66 -17.54
C PRO D 146 28.09 -10.20 -18.95
N SER D 147 29.07 -9.76 -19.74
CA SER D 147 28.83 -9.24 -21.09
C SER D 147 28.77 -10.32 -22.16
N ARG D 148 28.59 -11.58 -21.76
CA ARG D 148 28.48 -12.71 -22.70
C ARG D 148 27.11 -13.36 -22.64
N SER D 149 26.12 -12.61 -22.15
CA SER D 149 24.74 -13.04 -22.15
C SER D 149 23.89 -12.18 -23.07
N ILE D 150 22.89 -12.81 -23.68
CA ILE D 150 21.80 -12.12 -24.35
C ILE D 150 20.53 -12.40 -23.57
N ASP D 151 19.37 -12.12 -24.15
CA ASP D 151 18.08 -12.51 -23.57
C ASP D 151 17.38 -13.50 -24.49
N CYS D 152 16.59 -14.37 -23.88
CA CYS D 152 15.65 -15.21 -24.62
C CYS D 152 14.29 -15.01 -23.99
N MET D 153 13.34 -14.53 -24.79
CA MET D 153 11.96 -14.36 -24.36
C MET D 153 11.09 -15.46 -24.90
N LEU D 154 10.44 -16.21 -24.02
CA LEU D 154 9.42 -17.15 -24.47
C LEU D 154 8.11 -16.38 -24.60
N ILE D 155 7.46 -16.51 -25.76
CA ILE D 155 6.14 -15.92 -25.97
C ILE D 155 5.16 -17.09 -26.09
N ILE D 156 4.07 -16.99 -25.35
CA ILE D 156 3.07 -18.05 -25.29
C ILE D 156 1.80 -17.60 -26.03
N ASN D 157 1.39 -18.38 -27.03
CA ASN D 157 0.15 -18.14 -27.78
C ASN D 157 0.10 -16.80 -28.53
N LYS D 158 1.25 -16.38 -29.05
CA LYS D 158 1.21 -15.40 -30.13
C LYS D 158 0.40 -16.01 -31.27
N PRO D 159 -0.55 -15.24 -31.85
CA PRO D 159 -1.33 -15.80 -32.95
C PRO D 159 -0.48 -16.08 -34.19
N LYS D 160 -0.66 -17.25 -34.79
CA LYS D 160 -0.06 -17.53 -36.10
C LYS D 160 -0.94 -18.50 -36.90
N GLY D 161 -1.17 -18.16 -38.15
CA GLY D 161 -1.79 -19.07 -39.13
C GLY D 161 -3.07 -19.72 -38.60
N VAL D 162 -3.11 -21.06 -38.62
CA VAL D 162 -4.24 -21.80 -38.07
C VAL D 162 -3.82 -22.56 -36.81
N ALA D 163 -2.75 -22.09 -36.15
CA ALA D 163 -2.30 -22.70 -34.91
C ALA D 163 -3.32 -22.47 -33.80
N THR D 164 -3.55 -23.48 -32.96
CA THR D 164 -4.34 -23.26 -31.77
C THR D 164 -3.44 -22.80 -30.60
N TYR D 165 -2.23 -23.34 -30.56
CA TYR D 165 -1.21 -22.94 -29.55
C TYR D 165 0.10 -22.62 -30.22
N THR D 166 0.85 -21.69 -29.62
CA THR D 166 2.21 -21.44 -30.11
C THR D 166 3.16 -21.21 -28.95
N LEU D 167 4.40 -21.61 -29.16
CA LEU D 167 5.52 -21.24 -28.27
C LEU D 167 6.58 -20.62 -29.16
N THR D 168 7.03 -19.41 -28.82
CA THR D 168 8.06 -18.71 -29.59
C THR D 168 9.26 -18.44 -28.70
N PHE D 169 10.44 -18.85 -29.15
CA PHE D 169 11.71 -18.46 -28.51
C PHE D 169 12.29 -17.31 -29.31
N ARG D 170 12.29 -16.13 -28.71
CA ARG D 170 12.79 -14.92 -29.36
C ARG D 170 14.11 -14.56 -28.71
N PHE D 171 15.17 -14.51 -29.50
CA PHE D 171 16.50 -14.12 -29.05
C PHE D 171 16.73 -12.64 -29.32
N LEU D 172 17.09 -11.92 -28.24
CA LEU D 172 17.02 -10.47 -28.18
C LEU D 172 18.26 -9.91 -27.46
N ASN D 173 18.51 -8.63 -27.72
CA ASN D 173 19.48 -7.85 -26.96
C ASN D 173 20.89 -8.36 -27.14
N PHE D 174 21.20 -8.69 -28.38
CA PHE D 174 22.57 -9.00 -28.78
C PHE D 174 23.51 -7.82 -28.56
N ASN D 175 22.96 -6.61 -28.53
CA ASN D 175 23.75 -5.42 -28.18
C ASN D 175 24.32 -5.40 -26.73
N ARG D 176 23.84 -6.30 -25.88
CA ARG D 176 24.41 -6.50 -24.55
C ARG D 176 25.81 -7.12 -24.61
N LEU D 177 26.12 -7.81 -25.72
CA LEU D 177 27.36 -8.57 -25.79
C LEU D 177 28.54 -7.63 -25.93
N SER D 178 29.64 -7.99 -25.31
CA SER D 178 30.87 -7.22 -25.50
C SER D 178 31.59 -7.53 -26.78
N GLY D 179 31.25 -8.64 -27.42
CA GLY D 179 31.87 -8.99 -28.69
C GLY D 179 31.34 -10.31 -29.20
N GLY D 180 31.98 -10.84 -30.25
CA GLY D 180 31.57 -12.10 -30.84
C GLY D 180 31.63 -13.22 -29.81
N THR D 181 30.59 -14.04 -29.82
CA THR D 181 30.42 -15.07 -28.83
C THR D 181 29.77 -16.26 -29.49
N LEU D 182 30.24 -17.45 -29.17
CA LEU D 182 29.60 -18.66 -29.68
C LEU D 182 28.13 -18.72 -29.22
N PHE D 183 27.23 -18.97 -30.16
CA PHE D 183 25.82 -19.13 -29.87
C PHE D 183 25.56 -20.53 -29.35
N LYS D 184 26.04 -20.76 -28.13
CA LYS D 184 25.87 -22.00 -27.41
C LYS D 184 25.15 -21.68 -26.11
N THR D 185 23.83 -21.80 -26.11
CA THR D 185 23.06 -21.20 -25.00
C THR D 185 23.15 -22.07 -23.79
N ASP D 186 22.95 -21.42 -22.64
CA ASP D 186 22.64 -22.14 -21.41
C ASP D 186 21.43 -23.01 -21.61
N VAL D 187 21.22 -23.91 -20.64
CA VAL D 187 19.95 -24.61 -20.50
C VAL D 187 18.95 -23.58 -19.94
N LEU D 188 17.89 -23.34 -20.72
CA LEU D 188 16.85 -22.38 -20.43
C LEU D 188 15.61 -23.09 -19.89
N THR D 189 14.97 -22.49 -18.88
CA THR D 189 13.75 -23.06 -18.31
C THR D 189 12.67 -22.01 -18.27
N PHE D 190 11.48 -22.40 -18.71
CA PHE D 190 10.28 -21.61 -18.60
C PHE D 190 9.16 -22.50 -18.06
N THR D 191 8.10 -21.89 -17.54
CA THR D 191 6.99 -22.61 -16.94
C THR D 191 5.67 -21.95 -17.35
N TYR D 192 4.68 -22.76 -17.62
CA TYR D 192 3.32 -22.26 -17.87
C TYR D 192 2.28 -23.30 -17.45
N VAL D 193 1.05 -22.83 -17.27
CA VAL D 193 -0.05 -23.72 -16.89
C VAL D 193 -0.49 -24.57 -18.07
N GLY D 194 -0.54 -25.88 -17.85
CA GLY D 194 -0.92 -26.83 -18.89
C GLY D 194 -2.41 -26.80 -19.23
N GLU D 195 -2.69 -27.16 -20.47
CA GLU D 195 -4.05 -27.33 -20.93
C GLU D 195 -4.71 -28.56 -20.25
N ASN D 196 -6.04 -28.54 -20.19
CA ASN D 196 -6.82 -29.65 -19.64
C ASN D 196 -7.15 -30.68 -20.72
N GLN D 197 -7.23 -31.94 -20.34
CA GLN D 197 -7.59 -33.01 -21.27
C GLN D 197 -8.93 -32.69 -21.95
N ALA E 16 -16.71 23.82 34.96
CA ALA E 16 -16.53 22.41 34.53
C ALA E 16 -17.06 22.23 33.12
N PRO E 17 -16.62 21.18 32.42
CA PRO E 17 -17.16 20.87 31.10
C PRO E 17 -18.55 20.28 31.19
N ILE E 18 -19.26 20.27 30.09
CA ILE E 18 -20.57 19.62 30.06
C ILE E 18 -20.91 19.26 28.61
N THR E 19 -21.51 18.08 28.43
CA THR E 19 -21.98 17.59 27.14
C THR E 19 -23.47 17.33 27.19
N LEU E 20 -24.20 17.91 26.24
CA LEU E 20 -25.59 17.59 25.99
C LEU E 20 -25.66 16.84 24.67
N TRP E 21 -26.47 15.80 24.61
CA TRP E 21 -26.54 14.98 23.39
C TRP E 21 -27.85 14.18 23.31
N THR E 22 -28.02 13.54 22.17
CA THR E 22 -29.18 12.68 21.87
C THR E 22 -28.96 11.25 22.38
N GLY E 23 -27.73 10.96 22.79
CA GLY E 23 -27.30 9.58 23.02
C GLY E 23 -26.97 8.89 21.71
N PRO E 24 -26.44 7.66 21.79
CA PRO E 24 -26.15 6.90 20.58
C PRO E 24 -27.43 6.30 20.00
N GLY E 25 -27.41 5.96 18.72
CA GLY E 25 -28.54 5.30 18.10
C GLY E 25 -29.82 6.06 18.38
N PRO E 26 -29.86 7.34 17.96
CA PRO E 26 -31.07 8.11 18.11
C PRO E 26 -32.22 7.53 17.32
N SER E 27 -33.42 7.79 17.81
CA SER E 27 -34.62 7.48 17.06
C SER E 27 -34.75 8.43 15.88
N ILE E 28 -35.85 8.31 15.14
CA ILE E 28 -36.14 9.24 14.03
C ILE E 28 -36.70 10.52 14.67
N ASN E 29 -35.77 11.42 14.97
CA ASN E 29 -35.97 12.57 15.85
C ASN E 29 -35.84 13.91 15.12
N GLY E 30 -35.70 13.89 13.79
CA GLY E 30 -35.68 15.11 12.98
C GLY E 30 -36.98 15.17 12.22
N PHE E 31 -37.79 16.18 12.53
CA PHE E 31 -39.13 16.29 11.99
C PHE E 31 -39.22 17.35 10.92
N ILE E 32 -39.96 17.06 9.85
CA ILE E 32 -40.25 18.04 8.82
C ILE E 32 -41.77 17.97 8.67
N ASN E 33 -42.42 19.10 8.95
CA ASN E 33 -43.87 19.20 8.91
C ASN E 33 -44.51 18.11 9.75
N ASP E 34 -43.95 17.97 10.96
CA ASP E 34 -44.44 17.10 12.01
C ASP E 34 -44.33 15.62 11.69
N THR E 35 -43.54 15.28 10.68
CA THR E 35 -43.29 13.91 10.27
C THR E 35 -41.84 13.54 10.55
N PRO E 36 -41.60 12.47 11.32
CA PRO E 36 -40.22 12.03 11.59
C PRO E 36 -39.57 11.49 10.33
N VAL E 37 -38.49 12.13 9.87
CA VAL E 37 -37.85 11.74 8.62
C VAL E 37 -36.34 11.55 8.66
N ILE E 38 -35.66 12.07 9.68
CA ILE E 38 -34.20 11.97 9.77
C ILE E 38 -33.81 11.58 11.19
N ARG E 39 -32.87 10.65 11.28
CA ARG E 39 -32.25 10.28 12.53
C ARG E 39 -31.05 11.19 12.75
N CYS E 40 -31.06 11.94 13.84
CA CYS E 40 -30.08 12.98 14.10
C CYS E 40 -29.27 12.62 15.36
N PHE E 41 -27.98 12.42 15.18
CA PHE E 41 -27.07 12.27 16.30
C PHE E 41 -26.46 13.65 16.51
N ILE E 42 -26.68 14.24 17.69
CA ILE E 42 -26.20 15.59 17.94
C ILE E 42 -25.55 15.61 19.32
N CYS E 43 -24.37 16.23 19.39
CA CYS E 43 -23.58 16.28 20.60
C CYS E 43 -23.02 17.68 20.71
N LEU E 44 -23.35 18.36 21.80
CA LEU E 44 -22.82 19.69 22.12
C LEU E 44 -21.89 19.54 23.30
N THR E 45 -20.59 19.70 23.08
CA THR E 45 -19.61 19.51 24.13
C THR E 45 -18.94 20.82 24.48
N ARG E 46 -19.20 21.30 25.69
CA ARG E 46 -18.56 22.50 26.20
C ARG E 46 -17.33 22.11 27.00
N ASP E 47 -16.19 22.63 26.59
CA ASP E 47 -14.97 22.51 27.39
C ASP E 47 -14.74 23.85 28.08
N SER E 48 -13.52 24.39 28.13
CA SER E 48 -13.33 25.56 29.00
C SER E 48 -14.11 26.76 28.52
N ASN E 49 -14.10 27.01 27.22
CA ASN E 49 -14.67 28.22 26.63
C ASN E 49 -15.53 27.96 25.39
N LEU E 50 -15.07 27.05 24.54
CA LEU E 50 -15.77 26.78 23.30
C LEU E 50 -16.64 25.56 23.41
N VAL E 51 -17.69 25.57 22.59
CA VAL E 51 -18.58 24.44 22.40
C VAL E 51 -18.27 23.83 21.03
N THR E 52 -18.09 22.51 21.02
CA THR E 52 -17.94 21.76 19.79
C THR E 52 -19.25 21.05 19.51
N VAL E 53 -19.77 21.23 18.32
CA VAL E 53 -20.95 20.51 17.82
C VAL E 53 -20.41 19.36 17.01
N ASN E 54 -20.85 18.17 17.35
CA ASN E 54 -20.53 16.98 16.61
C ASN E 54 -21.85 16.32 16.23
N ALA E 55 -22.10 16.11 14.93
CA ALA E 55 -23.40 15.71 14.45
C ALA E 55 -23.30 14.80 13.27
N SER E 56 -24.32 13.97 13.08
CA SER E 56 -24.41 13.17 11.88
C SER E 56 -25.87 12.80 11.71
N PHE E 57 -26.25 12.54 10.46
CA PHE E 57 -27.65 12.38 10.10
C PHE E 57 -27.84 11.21 9.16
N VAL E 58 -28.96 10.51 9.33
CA VAL E 58 -29.35 9.43 8.39
C VAL E 58 -30.83 9.61 8.04
N GLY E 59 -31.11 9.83 6.76
CA GLY E 59 -32.47 9.97 6.28
C GLY E 59 -33.22 8.66 6.26
N GLU E 60 -34.52 8.75 6.51
CA GLU E 60 -35.40 7.60 6.47
C GLU E 60 -36.59 7.87 5.56
N GLY E 61 -37.27 6.79 5.19
CA GLY E 61 -38.45 6.90 4.37
C GLY E 61 -38.17 7.70 3.12
N GLY E 62 -38.93 8.77 2.92
CA GLY E 62 -38.77 9.64 1.76
C GLY E 62 -37.48 10.41 1.70
N TYR E 63 -36.75 10.43 2.82
CA TYR E 63 -35.43 11.05 2.90
C TYR E 63 -34.27 10.06 2.89
N ARG E 64 -34.54 8.78 2.66
CA ARG E 64 -33.47 7.77 2.68
C ARG E 64 -32.44 8.06 1.59
N ILE E 65 -32.93 8.38 0.38
CA ILE E 65 -32.13 8.82 -0.77
C ILE E 65 -32.49 10.26 -1.10
N VAL E 66 -31.49 11.11 -1.32
CA VAL E 66 -31.73 12.47 -1.77
C VAL E 66 -31.19 12.62 -3.18
N SER E 67 -31.78 13.52 -3.93
CA SER E 67 -31.41 13.66 -5.32
C SER E 67 -30.96 15.10 -5.61
N PRO E 68 -30.34 15.33 -6.77
CA PRO E 68 -29.94 16.70 -7.13
C PRO E 68 -31.03 17.77 -7.09
N THR E 69 -32.30 17.39 -7.24
CA THR E 69 -33.42 18.33 -7.20
C THR E 69 -34.09 18.44 -5.80
N GLN E 70 -33.46 17.85 -4.78
CA GLN E 70 -33.95 17.93 -3.44
C GLN E 70 -34.17 19.36 -2.98
N SER E 71 -35.32 19.65 -2.34
CA SER E 71 -35.55 20.96 -1.74
C SER E 71 -34.60 21.13 -0.54
N GLN E 72 -33.93 22.28 -0.48
CA GLN E 72 -33.07 22.62 0.65
C GLN E 72 -33.98 22.74 1.87
N PHE E 73 -33.43 22.47 3.04
CA PHE E 73 -34.22 22.52 4.26
C PHE E 73 -33.35 22.67 5.46
N SER E 74 -33.98 23.16 6.54
CA SER E 74 -33.33 23.35 7.85
C SER E 74 -33.92 22.45 8.94
N LEU E 75 -33.05 21.99 9.83
CA LEU E 75 -33.47 21.38 11.07
C LEU E 75 -33.02 22.30 12.21
N ILE E 76 -34.00 22.93 12.84
CA ILE E 76 -33.72 23.94 13.87
C ILE E 76 -33.90 23.39 15.28
N MET E 77 -32.92 23.65 16.14
CA MET E 77 -33.02 23.40 17.58
C MET E 77 -33.21 24.76 18.27
N GLU E 78 -34.26 24.87 19.09
CA GLU E 78 -34.61 26.07 19.83
C GLU E 78 -34.33 25.82 21.29
N PHE E 79 -33.65 26.75 21.96
CA PHE E 79 -33.35 26.64 23.39
C PHE E 79 -33.87 27.87 24.16
N ASP E 80 -34.31 27.63 25.38
CA ASP E 80 -34.73 28.74 26.24
C ASP E 80 -33.53 29.42 26.90
N GLN E 81 -33.79 30.40 27.75
CA GLN E 81 -32.71 31.16 28.36
C GLN E 81 -31.84 30.38 29.34
N PHE E 82 -32.27 29.20 29.76
CA PHE E 82 -31.48 28.35 30.64
C PHE E 82 -30.79 27.20 29.90
N GLY E 83 -30.81 27.25 28.57
CA GLY E 83 -30.21 26.21 27.76
C GLY E 83 -31.05 24.94 27.62
N GLN E 84 -32.35 25.01 27.92
CA GLN E 84 -33.23 23.86 27.73
C GLN E 84 -33.71 23.82 26.28
N LEU E 85 -33.46 22.69 25.61
CA LEU E 85 -34.02 22.42 24.30
C LEU E 85 -35.54 22.46 24.43
N MET E 86 -36.17 23.24 23.56
CA MET E 86 -37.61 23.44 23.57
C MET E 86 -38.31 22.43 22.66
N SER E 87 -39.62 22.35 22.77
CA SER E 87 -40.40 21.34 22.06
C SER E 87 -40.74 21.70 20.60
N THR E 88 -40.42 22.91 20.17
CA THR E 88 -41.01 23.47 18.97
C THR E 88 -40.11 23.44 17.74
N GLY E 89 -38.83 23.11 17.91
CA GLY E 89 -37.91 23.02 16.75
C GLY E 89 -38.10 21.70 15.97
N ASN E 90 -37.33 21.54 14.90
CA ASN E 90 -37.36 20.27 14.15
C ASN E 90 -36.69 19.14 14.89
N ILE E 91 -35.71 19.49 15.72
CA ILE E 91 -35.07 18.56 16.64
C ILE E 91 -35.40 19.16 17.99
N ASN E 92 -36.10 18.39 18.81
CA ASN E 92 -36.74 19.02 19.97
C ASN E 92 -36.81 18.12 21.18
N SER E 93 -37.34 18.68 22.26
CA SER E 93 -37.30 18.02 23.55
C SER E 93 -38.23 16.83 23.66
N THR E 94 -39.05 16.55 22.66
CA THR E 94 -39.94 15.38 22.73
C THR E 94 -39.21 14.04 22.56
N THR E 95 -37.98 14.10 22.05
CA THR E 95 -37.17 12.92 21.86
C THR E 95 -35.96 13.01 22.78
N THR E 96 -35.24 11.88 22.89
CA THR E 96 -34.19 11.76 23.86
C THR E 96 -33.13 12.87 23.75
N TRP E 97 -32.85 13.50 24.88
CA TRP E 97 -31.92 14.62 24.95
C TRP E 97 -31.54 14.87 26.40
N GLY E 98 -30.29 15.16 26.66
CA GLY E 98 -29.85 15.41 28.01
C GLY E 98 -28.35 15.32 28.13
N GLU E 99 -27.85 15.31 29.37
CA GLU E 99 -26.43 15.36 29.60
C GLU E 99 -25.81 13.98 29.42
N LYS E 100 -24.60 13.97 28.86
CA LYS E 100 -23.77 12.78 28.83
C LYS E 100 -22.82 12.83 30.02
N PRO E 101 -22.98 11.89 30.96
CA PRO E 101 -21.98 11.82 32.02
C PRO E 101 -20.65 11.34 31.50
N TRP E 102 -19.58 11.88 32.06
CA TRP E 102 -18.29 11.31 31.80
C TRP E 102 -18.34 9.85 32.24
N GLY E 103 -17.85 8.96 31.40
CA GLY E 103 -17.77 7.55 31.78
C GLY E 103 -18.82 6.62 31.22
N ASN E 104 -19.87 7.15 30.60
CA ASN E 104 -20.87 6.28 30.01
C ASN E 104 -21.69 6.95 28.92
N ASN E 105 -22.50 6.13 28.24
CA ASN E 105 -23.31 6.58 27.09
C ASN E 105 -24.77 6.86 27.44
N THR E 106 -25.04 7.08 28.72
CA THR E 106 -26.39 7.46 29.12
C THR E 106 -26.77 8.89 28.68
N VAL E 107 -28.07 9.16 28.76
CA VAL E 107 -28.63 10.48 28.59
C VAL E 107 -29.32 10.81 29.91
N GLN E 108 -28.86 11.88 30.55
CA GLN E 108 -29.40 12.34 31.83
C GLN E 108 -30.29 13.54 31.52
N PRO E 109 -31.60 13.33 31.45
CA PRO E 109 -32.46 14.39 30.87
C PRO E 109 -32.90 15.50 31.83
N ARG E 110 -32.62 15.37 33.11
CA ARG E 110 -33.07 16.38 34.08
C ARG E 110 -32.29 17.67 33.91
N PRO E 111 -33.00 18.78 33.58
CA PRO E 111 -32.32 20.05 33.35
C PRO E 111 -31.50 20.56 34.52
N SER E 112 -30.42 21.24 34.19
CA SER E 112 -29.55 21.87 35.17
C SER E 112 -29.16 23.25 34.65
N HIS E 113 -28.84 24.14 35.58
CA HIS E 113 -28.29 25.47 35.26
C HIS E 113 -27.07 25.41 34.34
N THR E 114 -26.24 24.38 34.54
CA THR E 114 -25.02 24.15 33.75
C THR E 114 -25.29 23.98 32.26
N TRP E 115 -26.49 23.57 31.91
CA TRP E 115 -26.84 23.41 30.50
C TRP E 115 -26.65 24.69 29.70
N LYS E 116 -26.82 25.85 30.34
CA LYS E 116 -26.59 27.15 29.69
C LYS E 116 -25.18 27.26 29.09
N LEU E 117 -24.22 26.55 29.68
CA LEU E 117 -22.83 26.60 29.21
C LEU E 117 -22.65 26.00 27.81
N CYS E 118 -23.57 25.16 27.39
CA CYS E 118 -23.56 24.68 26.00
C CYS E 118 -24.14 25.62 24.94
N MET E 119 -24.71 26.76 25.37
CA MET E 119 -25.39 27.67 24.46
C MET E 119 -24.43 28.64 23.79
N PRO E 120 -24.78 29.14 22.58
CA PRO E 120 -23.93 30.13 21.93
C PRO E 120 -24.03 31.49 22.61
N ASN E 121 -22.87 31.95 23.08
CA ASN E 121 -22.72 33.20 23.86
C ASN E 121 -23.55 34.32 23.25
N ARG E 122 -24.52 34.85 24.01
CA ARG E 122 -25.50 35.77 23.44
C ARG E 122 -24.87 37.10 23.06
N GLU E 123 -23.87 37.53 23.80
CA GLU E 123 -23.18 38.79 23.44
C GLU E 123 -22.33 38.61 22.18
N VAL E 124 -21.57 37.52 22.11
CA VAL E 124 -20.75 37.26 20.91
C VAL E 124 -21.61 37.07 19.66
N TYR E 125 -22.77 36.45 19.83
CA TYR E 125 -23.65 36.13 18.71
C TYR E 125 -24.96 36.91 18.87
N SER E 126 -24.84 38.20 19.14
CA SER E 126 -26.01 39.08 19.17
C SER E 126 -26.61 39.26 17.78
N THR E 127 -25.77 39.12 16.77
CA THR E 127 -26.24 38.97 15.40
C THR E 127 -25.87 37.57 14.96
N PRO E 128 -26.72 36.95 14.15
CA PRO E 128 -26.52 35.55 13.82
C PRO E 128 -25.21 35.27 13.08
N ALA E 129 -24.60 34.14 13.40
CA ALA E 129 -23.35 33.69 12.78
C ALA E 129 -23.59 32.38 12.04
N ALA E 130 -22.66 32.02 11.17
CA ALA E 130 -22.82 30.78 10.43
C ALA E 130 -21.49 30.17 10.05
N THR E 131 -21.51 28.87 9.81
CA THR E 131 -20.37 28.18 9.20
C THR E 131 -20.94 27.19 8.19
N ILE E 132 -20.64 27.40 6.92
CA ILE E 132 -21.00 26.46 5.87
C ILE E 132 -19.82 25.57 5.55
N SER E 133 -20.07 24.27 5.64
CA SER E 133 -19.07 23.26 5.44
C SER E 133 -19.55 22.12 4.57
N ARG E 134 -18.59 21.46 3.95
CA ARG E 134 -18.82 20.22 3.23
C ARG E 134 -19.58 19.22 4.07
N CYS E 135 -20.49 18.50 3.42
CA CYS E 135 -21.21 17.41 4.07
C CYS E 135 -21.21 16.21 3.12
N GLY E 136 -20.18 15.38 3.21
CA GLY E 136 -20.09 14.15 2.42
C GLY E 136 -21.28 13.24 2.71
N LEU E 137 -21.83 12.64 1.66
CA LEU E 137 -22.90 11.64 1.80
C LEU E 137 -22.40 10.27 1.39
N ASP E 138 -22.73 9.26 2.20
CA ASP E 138 -22.41 7.87 1.90
C ASP E 138 -20.94 7.70 1.53
N SER E 139 -20.06 8.39 2.28
CA SER E 139 -18.71 8.63 1.78
C SER E 139 -17.85 7.38 1.67
N ILE E 140 -18.00 6.46 2.62
CA ILE E 140 -17.23 5.21 2.56
C ILE E 140 -17.64 4.40 1.32
N ALA E 141 -18.93 4.23 1.09
CA ALA E 141 -19.43 3.44 -0.05
C ALA E 141 -19.04 4.02 -1.40
N VAL E 142 -19.07 5.34 -1.52
CA VAL E 142 -18.75 6.00 -2.80
C VAL E 142 -17.28 6.40 -2.88
N ASP E 143 -16.50 6.00 -1.88
CA ASP E 143 -15.07 6.32 -1.76
C ASP E 143 -14.77 7.80 -1.95
N GLY E 144 -15.58 8.64 -1.32
CA GLY E 144 -15.35 10.08 -1.30
C GLY E 144 -15.42 10.79 -2.65
N ALA E 145 -16.22 10.27 -3.58
CA ALA E 145 -16.32 10.90 -4.89
C ALA E 145 -16.73 12.37 -4.68
N PRO E 146 -16.02 13.30 -5.33
CA PRO E 146 -16.31 14.71 -5.13
C PRO E 146 -17.78 15.10 -5.31
N SER E 147 -18.48 14.44 -6.26
CA SER E 147 -19.86 14.80 -6.60
C SER E 147 -20.90 14.13 -5.71
N ARG E 148 -20.44 13.59 -4.59
CA ARG E 148 -21.33 12.97 -3.61
C ARG E 148 -21.39 13.77 -2.32
N SER E 149 -21.00 15.03 -2.37
CA SER E 149 -21.09 15.92 -1.19
C SER E 149 -22.15 17.00 -1.40
N ILE E 150 -22.83 17.35 -0.31
CA ILE E 150 -23.69 18.52 -0.24
C ILE E 150 -23.00 19.46 0.74
N ASP E 151 -23.70 20.49 1.18
CA ASP E 151 -23.19 21.37 2.21
C ASP E 151 -24.16 21.31 3.38
N CYS E 152 -23.64 21.51 4.59
CA CYS E 152 -24.46 21.74 5.76
C CYS E 152 -23.91 22.96 6.44
N MET E 153 -24.77 23.97 6.51
CA MET E 153 -24.47 25.21 7.21
C MET E 153 -25.08 25.20 8.60
N LEU E 154 -24.24 25.36 9.62
CA LEU E 154 -24.72 25.65 10.96
C LEU E 154 -24.98 27.14 11.05
N ILE E 155 -26.21 27.50 11.43
CA ILE E 155 -26.57 28.89 11.75
C ILE E 155 -26.73 29.03 13.27
N ILE E 156 -26.07 30.03 13.83
CA ILE E 156 -26.05 30.24 15.26
C ILE E 156 -26.89 31.47 15.65
N ASN E 157 -27.93 31.25 16.46
CA ASN E 157 -28.78 32.34 16.95
C ASN E 157 -29.50 33.14 15.87
N LYS E 158 -29.86 32.47 14.78
CA LYS E 158 -30.91 32.99 13.90
C LYS E 158 -32.20 33.03 14.72
N PRO E 159 -32.83 34.21 14.88
CA PRO E 159 -34.02 34.29 15.75
C PRO E 159 -35.16 33.40 15.25
N LYS E 160 -35.83 32.74 16.19
CA LYS E 160 -37.03 31.97 15.89
C LYS E 160 -37.98 32.08 17.07
N GLY E 161 -39.21 32.51 16.81
CA GLY E 161 -40.26 32.50 17.82
C GLY E 161 -39.84 33.16 19.11
N VAL E 162 -40.03 32.44 20.22
CA VAL E 162 -39.67 32.92 21.55
C VAL E 162 -38.38 32.26 22.07
N ALA E 163 -37.62 31.60 21.19
CA ALA E 163 -36.33 31.02 21.59
C ALA E 163 -35.30 32.08 21.99
N THR E 164 -34.47 31.74 22.97
CA THR E 164 -33.33 32.59 23.35
C THR E 164 -32.08 32.27 22.54
N TYR E 165 -31.88 30.98 22.29
CA TYR E 165 -30.77 30.46 21.50
C TYR E 165 -31.31 29.53 20.43
N THR E 166 -30.64 29.49 19.29
CA THR E 166 -30.99 28.53 18.26
C THR E 166 -29.73 27.99 17.61
N LEU E 167 -29.81 26.73 17.18
CA LEU E 167 -28.80 26.12 16.32
C LEU E 167 -29.58 25.50 15.15
N THR E 168 -29.22 25.90 13.93
CA THR E 168 -29.91 25.42 12.76
C THR E 168 -28.93 24.65 11.90
N PHE E 169 -29.29 23.44 11.53
CA PHE E 169 -28.54 22.67 10.52
C PHE E 169 -29.29 22.81 9.19
N ARG E 170 -28.72 23.55 8.26
CA ARG E 170 -29.33 23.81 6.98
C ARG E 170 -28.58 23.05 5.90
N PHE E 171 -29.31 22.17 5.22
CA PHE E 171 -28.75 21.30 4.21
C PHE E 171 -29.00 21.95 2.85
N LEU E 172 -27.90 22.17 2.14
CA LEU E 172 -27.85 23.03 0.97
C LEU E 172 -27.11 22.39 -0.17
N ASN E 173 -27.43 22.84 -1.37
CA ASN E 173 -26.60 22.56 -2.52
C ASN E 173 -26.62 21.07 -2.86
N PHE E 174 -27.80 20.46 -2.66
CA PHE E 174 -28.11 19.16 -3.27
C PHE E 174 -27.84 19.13 -4.77
N ASN E 175 -27.96 20.27 -5.43
CA ASN E 175 -27.71 20.31 -6.85
C ASN E 175 -26.25 20.13 -7.26
N ARG E 176 -25.33 20.04 -6.29
CA ARG E 176 -23.92 19.62 -6.52
C ARG E 176 -23.84 18.10 -6.75
N LEU E 177 -24.85 17.34 -6.31
CA LEU E 177 -24.80 15.89 -6.41
C LEU E 177 -24.89 15.46 -7.87
N SER E 178 -24.16 14.41 -8.21
CA SER E 178 -24.17 13.89 -9.59
C SER E 178 -25.38 12.98 -9.84
N GLY E 179 -26.04 12.55 -8.77
CA GLY E 179 -27.25 11.73 -8.88
C GLY E 179 -27.78 11.38 -7.49
N GLY E 180 -28.79 10.51 -7.43
CA GLY E 180 -29.33 10.04 -6.15
C GLY E 180 -28.24 9.48 -5.24
N THR E 181 -28.30 9.85 -3.97
CA THR E 181 -27.29 9.46 -2.99
C THR E 181 -27.95 9.19 -1.66
N LEU E 182 -27.50 8.12 -1.01
CA LEU E 182 -28.00 7.78 0.30
C LEU E 182 -27.71 8.94 1.26
N PHE E 183 -28.74 9.40 1.99
CA PHE E 183 -28.61 10.54 2.91
C PHE E 183 -28.02 10.06 4.23
N LYS E 184 -26.76 9.68 4.17
CA LYS E 184 -26.02 9.12 5.30
C LYS E 184 -24.81 10.03 5.46
N THR E 185 -24.92 11.03 6.32
CA THR E 185 -23.88 12.05 6.33
C THR E 185 -22.58 11.61 7.02
N ASP E 186 -21.53 12.28 6.60
CA ASP E 186 -20.33 12.33 7.40
C ASP E 186 -20.59 12.83 8.83
N VAL E 187 -19.62 12.56 9.70
CA VAL E 187 -19.56 13.19 11.01
C VAL E 187 -19.14 14.62 10.76
N LEU E 188 -19.99 15.54 11.19
CA LEU E 188 -19.76 16.99 11.00
C LEU E 188 -19.40 17.64 12.32
N THR E 189 -18.53 18.64 12.24
CA THR E 189 -18.05 19.35 13.41
C THR E 189 -18.11 20.84 13.15
N PHE E 190 -18.62 21.56 14.14
CA PHE E 190 -18.64 23.02 14.16
C PHE E 190 -18.21 23.50 15.55
N THR E 191 -17.87 24.78 15.65
CA THR E 191 -17.37 25.37 16.90
C THR E 191 -17.92 26.75 17.13
N TYR E 192 -18.34 27.03 18.37
CA TYR E 192 -18.70 28.40 18.74
C TYR E 192 -18.35 28.74 20.18
N VAL E 193 -18.36 30.03 20.51
CA VAL E 193 -18.02 30.46 21.87
C VAL E 193 -19.22 30.20 22.79
N GLY E 194 -18.96 29.50 23.89
CA GLY E 194 -19.99 29.18 24.85
C GLY E 194 -20.48 30.38 25.68
N GLU E 195 -21.70 30.24 26.16
CA GLU E 195 -22.30 31.21 27.04
C GLU E 195 -21.63 31.17 28.42
N ASN E 196 -21.71 32.28 29.13
CA ASN E 196 -21.22 32.37 30.50
C ASN E 196 -22.32 31.96 31.47
N GLN E 197 -21.92 31.37 32.59
CA GLN E 197 -22.89 30.90 33.57
C GLN E 197 -23.66 32.09 34.12
N ALA F 16 -3.91 24.04 33.30
CA ALA F 16 -5.14 24.86 33.25
C ALA F 16 -5.41 25.36 31.83
N PRO F 17 -6.71 25.48 31.47
CA PRO F 17 -7.07 26.06 30.19
C PRO F 17 -6.88 27.56 30.24
N ILE F 18 -6.75 28.17 29.08
CA ILE F 18 -6.65 29.61 28.99
C ILE F 18 -7.17 30.08 27.64
N THR F 19 -7.88 31.20 27.64
CA THR F 19 -8.35 31.82 26.40
C THR F 19 -7.81 33.25 26.28
N LEU F 20 -7.25 33.58 25.10
CA LEU F 20 -6.86 34.95 24.75
C LEU F 20 -7.79 35.35 23.62
N TRP F 21 -8.28 36.58 23.64
CA TRP F 21 -9.25 37.01 22.64
C TRP F 21 -9.32 38.54 22.49
N THR F 22 -10.04 38.97 21.46
CA THR F 22 -10.30 40.38 21.18
C THR F 22 -11.50 40.90 21.99
N GLY F 23 -12.24 39.98 22.61
CA GLY F 23 -13.53 40.31 23.19
C GLY F 23 -14.59 40.41 22.11
N PRO F 24 -15.85 40.55 22.54
CA PRO F 24 -16.93 40.71 21.57
C PRO F 24 -16.93 42.09 20.93
N GLY F 25 -17.58 42.24 19.80
CA GLY F 25 -17.74 43.57 19.18
C GLY F 25 -16.42 44.30 19.00
N PRO F 26 -15.44 43.65 18.36
CA PRO F 26 -14.14 44.27 18.18
C PRO F 26 -14.21 45.57 17.38
N SER F 27 -13.24 46.44 17.60
CA SER F 27 -13.07 47.63 16.78
C SER F 27 -12.54 47.21 15.41
N ILE F 28 -12.33 48.20 14.55
CA ILE F 28 -11.70 47.95 13.27
C ILE F 28 -10.21 47.77 13.59
N ASN F 29 -9.80 46.51 13.75
CA ASN F 29 -8.52 46.14 14.38
C ASN F 29 -7.61 45.30 13.47
N GLY F 30 -8.02 45.15 12.22
CA GLY F 30 -7.19 44.55 11.17
C GLY F 30 -6.71 45.65 10.27
N PHE F 31 -5.40 45.88 10.30
CA PHE F 31 -4.74 46.93 9.56
C PHE F 31 -4.10 46.38 8.32
N ILE F 32 -4.27 47.09 7.20
CA ILE F 32 -3.53 46.81 5.98
C ILE F 32 -3.02 48.14 5.47
N ASN F 33 -1.72 48.20 5.19
CA ASN F 33 -1.04 49.46 4.86
C ASN F 33 -1.30 50.49 5.95
N ASP F 34 -1.21 50.04 7.20
CA ASP F 34 -1.36 50.90 8.38
C ASP F 34 -2.72 51.59 8.48
N THR F 35 -3.71 51.03 7.80
CA THR F 35 -5.07 51.56 7.79
C THR F 35 -6.00 50.49 8.35
N PRO F 36 -6.87 50.85 9.31
CA PRO F 36 -7.80 49.87 9.88
C PRO F 36 -8.92 49.60 8.87
N VAL F 37 -9.01 48.37 8.38
CA VAL F 37 -9.98 48.02 7.35
C VAL F 37 -10.88 46.81 7.63
N ILE F 38 -10.51 45.96 8.59
CA ILE F 38 -11.33 44.81 8.90
CA ILE F 38 -11.27 44.76 8.90
C ILE F 38 -11.54 44.69 10.39
N ARG F 39 -12.76 44.34 10.77
CA ARG F 39 -13.10 44.03 12.15
C ARG F 39 -12.87 42.53 12.39
N CYS F 40 -11.88 42.22 13.22
CA CYS F 40 -11.47 40.84 13.50
C CYS F 40 -11.89 40.37 14.89
N PHE F 41 -12.79 39.40 14.94
CA PHE F 41 -13.08 38.71 16.19
C PHE F 41 -12.16 37.49 16.19
N ILE F 42 -11.27 37.41 17.18
CA ILE F 42 -10.33 36.30 17.30
C ILE F 42 -10.30 35.78 18.73
N CYS F 43 -10.37 34.46 18.84
CA CYS F 43 -10.32 33.79 20.11
C CYS F 43 -9.37 32.60 19.96
N LEU F 44 -8.40 32.52 20.86
CA LEU F 44 -7.48 31.40 20.92
C LEU F 44 -7.79 30.72 22.25
N THR F 45 -8.37 29.52 22.20
CA THR F 45 -8.68 28.78 23.42
C THR F 45 -7.81 27.55 23.53
N ARG F 46 -6.97 27.54 24.58
CA ARG F 46 -6.14 26.39 24.91
C ARG F 46 -6.88 25.53 25.91
N ASP F 47 -7.11 24.28 25.56
CA ASP F 47 -7.61 23.30 26.51
C ASP F 47 -6.43 22.44 26.97
N SER F 48 -6.56 21.11 27.10
CA SER F 48 -5.46 20.36 27.69
C SER F 48 -4.16 20.41 26.90
N ASN F 49 -4.27 20.32 25.58
CA ASN F 49 -3.12 20.20 24.70
C ASN F 49 -3.19 21.05 23.44
N LEU F 50 -4.36 21.06 22.82
CA LEU F 50 -4.56 21.78 21.58
C LEU F 50 -5.13 23.15 21.83
N VAL F 51 -4.83 24.03 20.89
CA VAL F 51 -5.38 25.36 20.83
C VAL F 51 -6.37 25.38 19.66
N THR F 52 -7.56 25.89 19.93
CA THR F 52 -8.55 26.13 18.90
C THR F 52 -8.58 27.62 18.60
N VAL F 53 -8.42 27.94 17.34
CA VAL F 53 -8.60 29.28 16.82
C VAL F 53 -10.06 29.37 16.37
N ASN F 54 -10.81 30.34 16.93
CA ASN F 54 -12.18 30.62 16.48
C ASN F 54 -12.20 32.10 16.08
N ALA F 55 -12.49 32.38 14.81
CA ALA F 55 -12.33 33.73 14.26
C ALA F 55 -13.43 34.06 13.26
N SER F 56 -13.77 35.33 13.17
CA SER F 56 -14.67 35.82 12.13
C SER F 56 -14.28 37.24 11.82
N PHE F 57 -14.59 37.67 10.59
CA PHE F 57 -14.11 38.94 10.08
C PHE F 57 -15.22 39.66 9.33
N VAL F 58 -15.26 40.98 9.49
CA VAL F 58 -16.15 41.86 8.73
C VAL F 58 -15.35 43.01 8.11
N GLY F 59 -15.41 43.13 6.80
CA GLY F 59 -14.71 44.18 6.08
C GLY F 59 -15.40 45.52 6.24
N GLU F 60 -14.59 46.58 6.24
CA GLU F 60 -15.08 47.95 6.34
C GLU F 60 -14.54 48.77 5.16
N GLY F 61 -15.18 49.89 4.87
CA GLY F 61 -14.75 50.74 3.78
C GLY F 61 -14.68 49.97 2.47
N GLY F 62 -13.55 50.07 1.79
CA GLY F 62 -13.37 49.39 0.51
C GLY F 62 -13.21 47.88 0.61
N TYR F 63 -13.16 47.37 1.85
CA TYR F 63 -13.15 45.93 2.10
C TYR F 63 -14.51 45.41 2.51
N ARG F 64 -15.52 46.30 2.62
CA ARG F 64 -16.88 45.83 2.94
C ARG F 64 -17.39 44.87 1.86
N ILE F 65 -17.16 45.21 0.60
CA ILE F 65 -17.51 44.35 -0.54
C ILE F 65 -16.21 43.85 -1.17
N VAL F 66 -16.17 42.55 -1.42
CA VAL F 66 -15.09 41.97 -2.20
C VAL F 66 -15.68 41.36 -3.48
N SER F 67 -14.83 41.08 -4.46
CA SER F 67 -15.31 40.63 -5.75
C SER F 67 -14.24 39.74 -6.36
N PRO F 68 -14.57 39.05 -7.47
CA PRO F 68 -13.63 38.12 -8.05
C PRO F 68 -12.25 38.65 -8.36
N THR F 69 -12.11 39.95 -8.55
CA THR F 69 -10.79 40.53 -8.83
C THR F 69 -10.04 40.98 -7.58
N GLN F 70 -10.64 40.81 -6.39
CA GLN F 70 -9.91 41.18 -5.17
C GLN F 70 -8.62 40.36 -5.02
N SER F 71 -7.54 41.03 -4.65
CA SER F 71 -6.26 40.38 -4.41
C SER F 71 -6.23 39.75 -3.03
N GLN F 72 -5.40 38.72 -2.89
CA GLN F 72 -5.25 38.10 -1.62
C GLN F 72 -4.64 39.10 -0.63
N PHE F 73 -4.93 38.90 0.63
CA PHE F 73 -4.27 39.68 1.66
C PHE F 73 -4.14 38.84 2.93
N SER F 74 -3.13 39.19 3.72
CA SER F 74 -2.77 38.51 4.96
C SER F 74 -2.87 39.44 6.17
N LEU F 75 -3.40 38.89 7.28
CA LEU F 75 -3.40 39.57 8.56
C LEU F 75 -2.52 38.76 9.50
N ILE F 76 -1.34 39.28 9.85
CA ILE F 76 -0.40 38.53 10.73
C ILE F 76 -0.52 39.04 12.18
N MET F 77 -0.57 38.08 13.10
CA MET F 77 -0.42 38.32 14.54
C MET F 77 0.97 37.88 14.94
N GLU F 78 1.76 38.75 15.57
CA GLU F 78 3.09 38.41 16.06
C GLU F 78 3.07 38.34 17.57
N PHE F 79 3.67 37.29 18.11
CA PHE F 79 3.78 37.09 19.55
C PHE F 79 5.23 36.89 19.97
N ASP F 80 5.54 37.40 21.15
CA ASP F 80 6.89 37.25 21.70
C ASP F 80 7.05 35.87 22.37
N GLN F 81 8.19 35.66 22.99
CA GLN F 81 8.50 34.35 23.58
C GLN F 81 7.58 33.98 24.73
N PHE F 82 6.87 34.95 25.29
CA PHE F 82 5.99 34.76 26.42
C PHE F 82 4.52 34.65 26.01
N GLY F 83 4.26 34.65 24.71
CA GLY F 83 2.90 34.62 24.19
C GLY F 83 2.16 35.93 24.26
N GLN F 84 2.90 37.03 24.35
CA GLN F 84 2.32 38.38 24.32
C GLN F 84 2.26 38.93 22.90
N LEU F 85 1.08 39.41 22.54
CA LEU F 85 0.86 39.97 21.22
C LEU F 85 1.68 41.26 21.11
N MET F 86 2.38 41.39 19.99
CA MET F 86 3.29 42.49 19.72
C MET F 86 2.57 43.55 18.90
N SER F 87 3.20 44.72 18.84
CA SER F 87 2.60 45.89 18.22
C SER F 87 2.72 45.97 16.70
N THR F 88 3.50 45.07 16.08
CA THR F 88 3.99 45.22 14.71
C THR F 88 3.25 44.42 13.62
N GLY F 89 2.33 43.53 13.99
CA GLY F 89 1.50 42.81 13.03
C GLY F 89 0.30 43.57 12.51
N ASN F 90 -0.44 42.94 11.59
CA ASN F 90 -1.67 43.52 11.08
C ASN F 90 -2.78 43.51 12.13
N ILE F 91 -2.73 42.52 13.01
CA ILE F 91 -3.59 42.48 14.17
C ILE F 91 -2.63 42.54 15.33
N ASN F 92 -2.77 43.54 16.19
CA ASN F 92 -1.68 43.83 17.10
C ASN F 92 -2.14 44.37 18.43
N SER F 93 -1.15 44.60 19.28
CA SER F 93 -1.39 44.96 20.67
C SER F 93 -1.88 46.39 20.85
N THR F 94 -2.03 47.15 19.76
CA THR F 94 -2.62 48.50 19.88
C THR F 94 -4.14 48.50 19.95
N THR F 95 -4.79 47.34 19.78
CA THR F 95 -6.23 47.21 19.97
C THR F 95 -6.52 46.14 21.03
N THR F 96 -7.77 46.06 21.46
CA THR F 96 -8.18 45.17 22.56
C THR F 96 -7.70 43.72 22.36
N TRP F 97 -7.00 43.22 23.38
CA TRP F 97 -6.46 41.86 23.35
C TRP F 97 -6.05 41.48 24.75
N GLY F 98 -6.46 40.30 25.18
CA GLY F 98 -6.14 39.80 26.51
C GLY F 98 -6.89 38.55 26.86
N GLU F 99 -6.82 38.19 28.12
CA GLU F 99 -7.37 36.95 28.60
C GLU F 99 -8.87 37.07 28.83
N LYS F 100 -9.61 36.02 28.45
CA LYS F 100 -11.02 35.94 28.81
C LYS F 100 -11.18 35.16 30.10
N PRO F 101 -11.70 35.81 31.15
CA PRO F 101 -11.97 35.03 32.35
C PRO F 101 -13.16 34.10 32.16
N TRP F 102 -13.08 32.93 32.78
CA TRP F 102 -14.24 32.04 32.78
C TRP F 102 -15.38 32.76 33.49
N GLY F 103 -16.55 32.82 32.86
CA GLY F 103 -17.73 33.38 33.50
C GLY F 103 -18.09 34.79 33.10
N ASN F 104 -17.23 35.46 32.31
CA ASN F 104 -17.60 36.76 31.77
C ASN F 104 -16.95 37.08 30.43
N ASN F 105 -17.40 38.16 29.80
CA ASN F 105 -16.92 38.56 28.47
C ASN F 105 -15.88 39.67 28.50
N THR F 106 -15.20 39.86 29.63
CA THR F 106 -14.18 40.92 29.67
C THR F 106 -12.90 40.49 28.94
N VAL F 107 -11.99 41.44 28.80
CA VAL F 107 -10.67 41.23 28.24
C VAL F 107 -9.63 41.77 29.23
N GLN F 108 -8.92 40.86 29.87
CA GLN F 108 -7.92 41.17 30.89
C GLN F 108 -6.54 41.33 30.28
N PRO F 109 -6.02 42.57 30.24
CA PRO F 109 -4.80 42.87 29.50
C PRO F 109 -3.49 42.46 30.16
N ARG F 110 -3.52 42.12 31.44
CA ARG F 110 -2.27 41.89 32.18
C ARG F 110 -1.72 40.48 31.96
N PRO F 111 -0.52 40.38 31.34
CA PRO F 111 0.00 39.07 30.94
C PRO F 111 0.29 38.14 32.08
N SER F 112 0.12 36.85 31.81
CA SER F 112 0.47 35.78 32.72
C SER F 112 1.42 34.80 32.03
N HIS F 113 2.11 34.02 32.84
CA HIS F 113 2.95 32.93 32.34
C HIS F 113 2.13 31.97 31.49
N THR F 114 0.85 31.84 31.82
CA THR F 114 -0.04 30.91 31.15
C THR F 114 -0.27 31.29 29.69
N TRP F 115 0.00 32.54 29.31
CA TRP F 115 -0.33 32.97 27.94
C TRP F 115 0.48 32.21 26.88
N LYS F 116 1.64 31.73 27.28
CA LYS F 116 2.49 30.93 26.40
C LYS F 116 1.76 29.68 25.89
N LEU F 117 0.84 29.16 26.72
CA LEU F 117 0.10 27.94 26.41
C LEU F 117 -0.83 28.07 25.20
N CYS F 118 -1.17 29.30 24.81
CA CYS F 118 -1.98 29.55 23.59
C CYS F 118 -1.14 29.60 22.32
N MET F 119 0.18 29.55 22.46
CA MET F 119 1.07 29.67 21.31
C MET F 119 1.26 28.34 20.55
N PRO F 120 1.58 28.42 19.24
CA PRO F 120 1.88 27.24 18.44
C PRO F 120 3.23 26.59 18.78
N ASN F 121 3.17 25.39 19.34
CA ASN F 121 4.32 24.65 19.85
C ASN F 121 5.48 24.70 18.87
N ARG F 122 6.62 25.25 19.30
CA ARG F 122 7.75 25.44 18.38
C ARG F 122 8.51 24.17 17.98
N GLU F 123 8.39 23.09 18.76
CA GLU F 123 8.94 21.79 18.28
C GLU F 123 8.10 21.15 17.20
N VAL F 124 6.79 21.23 17.38
CA VAL F 124 5.88 20.72 16.39
C VAL F 124 5.93 21.61 15.16
N TYR F 125 5.86 22.92 15.34
CA TYR F 125 5.82 23.86 14.19
C TYR F 125 7.16 24.54 14.07
N SER F 126 8.17 23.71 13.83
CA SER F 126 9.54 24.16 13.72
C SER F 126 9.78 24.71 12.32
N THR F 127 8.89 24.39 11.40
CA THR F 127 8.81 25.08 10.11
C THR F 127 7.36 25.51 9.89
N PRO F 128 7.13 26.50 9.02
CA PRO F 128 5.76 27.00 8.83
C PRO F 128 4.77 25.91 8.44
N ALA F 129 3.62 25.90 9.10
CA ALA F 129 2.52 24.97 8.80
C ALA F 129 1.34 25.76 8.27
N ALA F 130 0.43 25.09 7.57
CA ALA F 130 -0.73 25.76 7.01
C ALA F 130 -1.95 24.87 7.01
N THR F 131 -3.10 25.52 7.11
CA THR F 131 -4.39 24.88 6.85
C THR F 131 -5.22 25.80 6.00
N ILE F 132 -5.51 25.38 4.77
CA ILE F 132 -6.41 26.15 3.88
C ILE F 132 -7.78 25.56 3.92
N SER F 133 -8.76 26.40 4.20
CA SER F 133 -10.14 25.99 4.38
CA SER F 133 -10.14 25.97 4.33
C SER F 133 -11.10 26.93 3.67
N ARG F 134 -12.27 26.42 3.35
CA ARG F 134 -13.34 27.22 2.84
C ARG F 134 -13.66 28.36 3.83
N CYS F 135 -14.00 29.51 3.26
CA CYS F 135 -14.44 30.66 4.01
C CYS F 135 -15.68 31.24 3.34
N GLY F 136 -16.84 30.78 3.80
CA GLY F 136 -18.11 31.31 3.34
C GLY F 136 -18.23 32.79 3.64
N LEU F 137 -18.77 33.53 2.67
CA LEU F 137 -19.06 34.95 2.85
C LEU F 137 -20.55 35.19 2.85
N ASP F 138 -21.03 36.01 3.78
CA ASP F 138 -22.43 36.46 3.85
C ASP F 138 -23.38 35.26 3.74
N SER F 139 -23.01 34.16 4.39
CA SER F 139 -23.62 32.86 4.11
C SER F 139 -25.10 32.74 4.42
N ILE F 140 -25.54 33.33 5.53
CA ILE F 140 -26.97 33.30 5.84
C ILE F 140 -27.76 34.02 4.74
N ALA F 141 -27.35 35.25 4.43
CA ALA F 141 -28.10 36.07 3.47
C ALA F 141 -28.10 35.49 2.05
N VAL F 142 -26.96 34.95 1.60
CA VAL F 142 -26.85 34.35 0.26
C VAL F 142 -27.20 32.86 0.24
N ASP F 143 -27.65 32.35 1.39
CA ASP F 143 -28.07 30.97 1.57
C ASP F 143 -27.01 29.99 1.09
N GLY F 144 -25.76 30.30 1.42
CA GLY F 144 -24.63 29.38 1.21
C GLY F 144 -24.39 29.03 -0.24
N ALA F 145 -24.79 29.91 -1.17
CA ALA F 145 -24.53 29.68 -2.59
C ALA F 145 -23.06 29.27 -2.81
N PRO F 146 -22.82 28.19 -3.57
CA PRO F 146 -21.43 27.73 -3.70
C PRO F 146 -20.43 28.78 -4.18
N SER F 147 -20.85 29.67 -5.07
CA SER F 147 -19.98 30.70 -5.60
C SER F 147 -19.89 31.97 -4.74
N ARG F 148 -20.24 31.87 -3.45
CA ARG F 148 -20.12 32.98 -2.50
C ARG F 148 -19.12 32.65 -1.40
N SER F 149 -18.23 31.68 -1.67
CA SER F 149 -17.14 31.35 -0.73
C SER F 149 -15.79 31.68 -1.32
N ILE F 150 -14.89 32.09 -0.45
CA ILE F 150 -13.47 32.20 -0.78
C ILE F 150 -12.73 31.16 0.08
N ASP F 151 -11.43 31.30 0.21
CA ASP F 151 -10.62 30.47 1.11
C ASP F 151 -9.97 31.35 2.15
N CYS F 152 -9.76 30.78 3.34
CA CYS F 152 -8.89 31.38 4.34
C CYS F 152 -7.89 30.35 4.75
N MET F 153 -6.62 30.69 4.59
CA MET F 153 -5.51 29.85 5.01
C MET F 153 -4.87 30.37 6.29
N LEU F 154 -4.86 29.55 7.33
CA LEU F 154 -4.10 29.92 8.54
C LEU F 154 -2.68 29.44 8.30
N ILE F 155 -1.70 30.33 8.44
CA ILE F 155 -0.29 29.93 8.44
C ILE F 155 0.23 30.04 9.88
N ILE F 156 0.92 29.01 10.34
CA ILE F 156 1.47 28.95 11.69
C ILE F 156 2.98 29.12 11.62
N ASN F 157 3.51 30.12 12.32
CA ASN F 157 4.94 30.33 12.50
C ASN F 157 5.69 30.66 11.21
N LYS F 158 5.02 31.35 10.29
CA LYS F 158 5.72 32.09 9.25
C LYS F 158 6.72 33.03 9.97
N PRO F 159 7.98 33.05 9.53
CA PRO F 159 8.91 33.99 10.17
C PRO F 159 8.54 35.47 9.98
N LYS F 160 8.64 36.26 11.06
CA LYS F 160 8.52 37.72 10.94
C LYS F 160 9.27 38.43 12.06
N GLY F 161 10.08 39.40 11.67
CA GLY F 161 10.68 40.36 12.59
C GLY F 161 11.40 39.66 13.71
N VAL F 162 11.04 40.00 14.95
CA VAL F 162 11.60 39.37 16.14
C VAL F 162 10.55 38.52 16.85
N ALA F 163 9.48 38.19 16.14
CA ALA F 163 8.43 37.36 16.71
C ALA F 163 8.96 35.97 16.99
N THR F 164 8.56 35.37 18.11
CA THR F 164 8.82 33.96 18.36
C THR F 164 7.74 33.07 17.75
N TYR F 165 6.50 33.55 17.76
CA TYR F 165 5.36 32.81 17.21
C TYR F 165 4.59 33.72 16.32
N THR F 166 4.01 33.18 15.24
CA THR F 166 3.08 33.97 14.43
C THR F 166 1.87 33.17 14.00
N LEU F 167 0.75 33.86 13.86
CA LEU F 167 -0.46 33.31 13.23
C LEU F 167 -0.87 34.27 12.11
N THR F 168 -1.06 33.74 10.91
CA THR F 168 -1.46 34.55 9.77
C THR F 168 -2.77 34.03 9.18
N PHE F 169 -3.74 34.93 9.03
CA PHE F 169 -4.98 34.67 8.31
C PHE F 169 -4.84 35.24 6.92
N ARG F 170 -4.74 34.36 5.93
CA ARG F 170 -4.57 34.79 4.54
C ARG F 170 -5.87 34.50 3.80
N PHE F 171 -6.48 35.53 3.24
CA PHE F 171 -7.70 35.41 2.45
C PHE F 171 -7.35 35.38 0.98
N LEU F 172 -7.86 34.38 0.30
CA LEU F 172 -7.44 34.16 -1.07
C LEU F 172 -8.50 33.40 -1.89
N ASN F 173 -8.21 33.25 -3.16
CA ASN F 173 -9.11 32.64 -4.11
C ASN F 173 -10.43 33.38 -4.20
N PHE F 174 -10.32 34.71 -4.26
CA PHE F 174 -11.49 35.54 -4.50
C PHE F 174 -12.08 35.29 -5.88
N ASN F 175 -11.29 34.74 -6.81
CA ASN F 175 -11.83 34.41 -8.13
C ASN F 175 -12.85 33.26 -8.14
N ARG F 176 -13.03 32.59 -7.00
CA ARG F 176 -14.12 31.61 -6.82
C ARG F 176 -15.47 32.32 -6.83
N LEU F 177 -15.50 33.61 -6.48
CA LEU F 177 -16.75 34.36 -6.34
C LEU F 177 -17.41 34.61 -7.68
N SER F 178 -18.73 34.58 -7.69
CA SER F 178 -19.48 34.90 -8.88
C SER F 178 -19.69 36.40 -9.08
N GLY F 179 -19.49 37.19 -8.04
CA GLY F 179 -19.65 38.65 -8.15
C GLY F 179 -19.40 39.29 -6.80
N GLY F 180 -19.73 40.58 -6.68
CA GLY F 180 -19.55 41.33 -5.45
C GLY F 180 -20.29 40.67 -4.30
N THR F 181 -19.57 40.53 -3.19
CA THR F 181 -20.07 39.83 -2.02
C THR F 181 -19.61 40.54 -0.77
N LEU F 182 -20.49 40.66 0.21
CA LEU F 182 -20.12 41.27 1.49
C LEU F 182 -19.07 40.42 2.17
N PHE F 183 -17.99 41.08 2.62
CA PHE F 183 -16.91 40.38 3.28
C PHE F 183 -17.30 40.24 4.75
N LYS F 184 -18.25 39.33 4.95
CA LYS F 184 -18.75 38.94 6.24
C LYS F 184 -18.49 37.46 6.40
N THR F 185 -17.38 37.09 7.02
CA THR F 185 -16.96 35.70 6.98
C THR F 185 -17.81 34.84 7.89
N ASP F 186 -17.89 33.55 7.54
CA ASP F 186 -18.30 32.51 8.49
C ASP F 186 -17.42 32.56 9.72
N VAL F 187 -17.86 31.83 10.73
CA VAL F 187 -17.05 31.49 11.87
C VAL F 187 -16.08 30.43 11.37
N LEU F 188 -14.79 30.75 11.49
CA LEU F 188 -13.69 29.94 11.04
C LEU F 188 -13.03 29.25 12.23
N THR F 189 -12.70 27.97 12.08
CA THR F 189 -12.04 27.22 13.13
C THR F 189 -10.78 26.56 12.59
N PHE F 190 -9.71 26.66 13.36
CA PHE F 190 -8.45 26.00 13.06
C PHE F 190 -7.94 25.43 14.39
N THR F 191 -7.01 24.48 14.31
CA THR F 191 -6.50 23.79 15.48
C THR F 191 -5.01 23.57 15.34
N TYR F 192 -4.27 23.73 16.44
CA TYR F 192 -2.84 23.42 16.47
C TYR F 192 -2.42 22.97 17.87
N VAL F 193 -1.30 22.28 17.95
CA VAL F 193 -0.74 21.85 19.21
C VAL F 193 -0.19 23.06 19.98
N GLY F 194 -0.62 23.23 21.23
CA GLY F 194 -0.15 24.31 22.08
C GLY F 194 1.26 24.14 22.60
N GLU F 195 1.89 25.28 22.89
CA GLU F 195 3.20 25.31 23.45
C GLU F 195 3.17 24.83 24.90
N ASN F 196 4.30 24.34 25.39
CA ASN F 196 4.42 23.94 26.79
C ASN F 196 4.80 25.13 27.66
N GLN F 197 4.33 25.10 28.90
CA GLN F 197 4.62 26.14 29.88
C GLN F 197 6.12 26.36 30.00
#